data_8JJE
#
_entry.id   8JJE
#
_cell.length_a   1.00
_cell.length_b   1.00
_cell.length_c   1.00
_cell.angle_alpha   90.00
_cell.angle_beta   90.00
_cell.angle_gamma   90.00
#
_symmetry.space_group_name_H-M   'P 1'
#
loop_
_entity.id
_entity.type
_entity.pdbx_description
1 polymer 'Angiotensin-converting enzyme 2'
2 polymer 'Spike glycoprotein'
3 branched alpha-D-mannopyranose-(1-3)-alpha-D-mannopyranose-(1-6)-beta-D-mannopyranose-(1-4)-2-acetamido-2-deoxy-beta-D-glucopyranose-(1-4)-2-acetamido-2-deoxy-beta-D-glucopyranose
4 branched 2-acetamido-2-deoxy-beta-D-glucopyranose-(1-4)-2-acetamido-2-deoxy-beta-D-glucopyranose
5 branched alpha-D-mannopyranose-(1-3)-[alpha-D-mannopyranose-(1-6)]beta-D-mannopyranose-(1-4)-2-acetamido-2-deoxy-beta-D-glucopyranose-(1-4)-2-acetamido-2-deoxy-beta-D-glucopyranose
6 branched beta-D-mannopyranose-(1-4)-2-acetamido-2-deoxy-beta-D-glucopyranose-(1-4)-2-acetamido-2-deoxy-beta-D-glucopyranose
7 non-polymer 2-acetamido-2-deoxy-beta-D-glucopyranose
8 non-polymer 'ZINC ION'
9 non-polymer 'SULFATE ION'
10 water water
#
loop_
_entity_poly.entity_id
_entity_poly.type
_entity_poly.pdbx_seq_one_letter_code
_entity_poly.pdbx_strand_id
1 'polypeptide(L)'
;MSSSSWLLLSLVAVTAAQSTIEEQVKTFLDNFNHKAEDLFYQSSLASWNYNTNITEENVQNMNNAGDKWSAFLKEQSTLA
QMYPLQEIQNLQVKLQLQALQQNGSSVLSEDKSKRLNTILNTMSTIYCTGKVCNPDNPQECLLLEPGLNEIMANSLDYNE
RLWAWESWRSEVGKQLRPLYEEYVVLKNEMARANHYEDYGDYWRGDYEVNGVDGYDYSRGQLIEDVEHTFEEIKPLYEHL
HAYVRAKLMNAYPSYISPIGCLPAHLLGDMWGRFWTNLYSLTVPFGQKPNIDVTDAMVDQAWDAQRIFKEAEKFFVSVGL
PNMTQGFWENSMLTDPGNVQKACCHPTAWDLGKGDFRILMCTKVTMDDFLTAHHEMGHIQYDMAYAAQPFLLRNGANEGF
HEAVGEIMSLSAATPKHLKSIGLLSPDFQEDNETEINFLLKQALTIVGTLPFTYMLEKWRWMVFKGEIPKDQWMKKWWEM
KREIVGVVEPVPHDETYCDPASLFHVSNDYSFIRYYTRTLYQFQFQEALCQAAKHEGPLHKCDISNSTEAGQKLFNMLRL
GKSEPWTLALENVVGAKNMNVRPLLNYFEPLFTWLKDQNKNSFVGWSTDWSPYADEFSGGGGSGGGGSGGGGSHHHHHH
;
A
2 'polypeptide(L)'
;LEQCVNLTTRTQLPPAYTNSFTRGVYYPDKVFRSSVLHSTQDLFLPFFSNVTWFHAIHVSGTNGTKRFDNPVLPFNDGVY
FASTEKSNIIRGWIFGTTLDSKTQSLLIVNNATNVVIKVCEFQFCNDPFLGVYYHKNNKSWMESEFRVYSSANNCTFEYV
SQPFLMDLEGKQGNFKNLREFVFKNIDGYFKIYSKHTPINLVRDLPQGFSALEPLVDLPIGINITRFQTLLALHRSYLTP
GDSSSGWTAGAAAYYVGYLQPRTFLLKYNENGTITDAVDCALDPLSETKCTLKSFTVEKGIYQTSNFRVQPTESIVRFPN
ITNLCPFGEVFNATRFASVYAWNRKRISNCVADYSVLYNSASFSTFKCYGVSPTKLNDLCFTNVYADSFVIRGDEVRQIA
PGQTGKIADYNYKLPDDFTGCVIAWNSNNLDSKVGGNYNYLYRLFRKSNLKPFERDISTEIYQAGSTPCNGVEGFNCYFP
LQSYGFQPTNGVGYQPYRVVVLSFELLHAPATVCGPKKSTNLVKNKCVNFNFNGLTGTGVLTESNKKFLPFQQFGRDIAD
TTDAVRDPQTLEILDITPCSFGGVSVITPGTNTSNQVAVLYQDVNCTEVPVAIHADQLTPTWRVYSTGSNVFQTRAGCLI
GAEHVNNSYECDIPIGAGICASYQTQTNSPGSAGSVASQSIIAYTMSLGAENSVAYSNNSIAIPTNFTISVTTEILPVSM
TKTSVDCTMYICGDSTECSNLLLQYGSFCTQLNRALTGIAVEQDKNTQEVFAQVKQIYKTPPIKDFGGFNFSQILPDPSK
PSKRSFIEDLLFNKVTLADAGFIKQYGDCLGDIAARDLICAQKFNGLTVLPPLLTDEMIAQYTSALLAGTITSGWTFGAG
AALQIPFAMQMAYRFNGIGVTQNVLYENQKLIANQFNSAIGKIQDSLSSTASALGKLQDVVNQNAQALNTLVKQLSSNFG
AISSVLNDILSRLDPPEAEVQIDRLITGRLQSLQTYVTQQLIRAAEIRASANLAATKMSECVLGQSKRVDFCGKGYHLMS
FPQSAPHGVVFLHVTYVPAQEKNFTTAPAICHDGKAHFPREGVFVSNGTHWFVTQRNFYEPQIITTDNTFVSGNCDVVIG
IVNNTVYDPLQPELDSFKEELDKYFKNHTSPDVDLGDISGINASVVNIQKEIDRLNEVAKNLNESLIDLQELGKYEQYIK
GSGRENLYFQGGGGSGYIPEAPRDGQAYVRKDGEWVLLSTFLGHHHHHHHH
;
B
#
loop_
_chem_comp.id
_chem_comp.type
_chem_comp.name
_chem_comp.formula
BMA D-saccharide, beta linking beta-D-mannopyranose 'C6 H12 O6'
MAN D-saccharide, alpha linking alpha-D-mannopyranose 'C6 H12 O6'
NAG D-saccharide, beta linking 2-acetamido-2-deoxy-beta-D-glucopyranose 'C8 H15 N O6'
SO4 non-polymer 'SULFATE ION' 'O4 S -2'
ZN non-polymer 'ZINC ION' 'Zn 2'
#
# COMPACT_ATOMS: atom_id res chain seq x y z
N GLN A 18 20.63 -7.85 33.04
CA GLN A 18 20.63 -6.93 31.86
C GLN A 18 20.07 -7.60 30.60
N SER A 19 20.84 -8.51 29.96
CA SER A 19 20.52 -9.04 28.63
C SER A 19 19.21 -9.86 28.62
N THR A 20 18.79 -10.40 29.77
CA THR A 20 17.52 -11.10 29.88
C THR A 20 16.36 -10.26 29.35
N ILE A 21 16.25 -8.96 29.71
CA ILE A 21 15.14 -8.13 29.21
C ILE A 21 15.40 -7.53 27.82
N GLU A 22 16.43 -7.99 27.10
CA GLU A 22 16.49 -7.92 25.64
C GLU A 22 16.05 -9.25 25.02
N GLU A 23 16.61 -10.38 25.48
CA GLU A 23 16.22 -11.68 24.94
C GLU A 23 14.77 -12.05 25.22
N GLN A 24 14.21 -11.65 26.38
CA GLN A 24 12.80 -11.83 26.66
C GLN A 24 11.93 -11.11 25.63
N VAL A 25 12.32 -9.88 25.26
CA VAL A 25 11.59 -9.08 24.29
C VAL A 25 11.78 -9.66 22.88
N LYS A 26 13.00 -9.97 22.47
CA LYS A 26 13.22 -10.61 21.19
C LYS A 26 12.43 -11.92 21.05
N THR A 27 12.33 -12.71 22.12
CA THR A 27 11.56 -13.95 22.09
C THR A 27 10.07 -13.66 21.92
N PHE A 28 9.55 -12.69 22.68
CA PHE A 28 8.16 -12.29 22.60
C PHE A 28 7.76 -11.81 21.21
N LEU A 29 8.54 -10.92 20.59
CA LEU A 29 8.24 -10.44 19.24
C LEU A 29 8.31 -11.56 18.20
N ASP A 30 9.15 -12.57 18.40
CA ASP A 30 9.20 -13.72 17.52
C ASP A 30 8.10 -14.75 17.84
N ASN A 31 7.30 -14.54 18.89
CA ASN A 31 5.99 -15.17 19.04
C ASN A 31 4.96 -14.36 18.23
N PHE A 32 4.91 -13.05 18.45
CA PHE A 32 3.95 -12.18 17.81
C PHE A 32 4.05 -12.27 16.28
N ASN A 33 5.21 -12.14 15.69
CA ASN A 33 5.38 -12.12 14.25
C ASN A 33 4.91 -13.41 13.55
N HIS A 34 4.82 -14.58 14.25
CA HIS A 34 4.34 -15.82 13.64
C HIS A 34 2.87 -16.13 14.03
N LYS A 35 2.36 -15.50 15.11
CA LYS A 35 0.98 -15.66 15.56
C LYS A 35 0.03 -14.62 14.95
N ALA A 36 0.49 -13.38 14.81
CA ALA A 36 -0.28 -12.27 14.27
C ALA A 36 -0.51 -12.43 12.77
N GLU A 37 0.46 -13.01 12.05
CA GLU A 37 0.53 -12.91 10.59
C GLU A 37 -0.69 -13.50 9.91
N ASP A 38 -1.21 -14.63 10.43
CA ASP A 38 -2.39 -15.26 9.86
C ASP A 38 -3.71 -14.60 10.30
N LEU A 39 -3.81 -14.11 11.54
CA LEU A 39 -5.01 -13.40 11.96
C LEU A 39 -5.21 -12.12 11.13
N PHE A 40 -4.13 -11.41 10.83
CA PHE A 40 -4.21 -10.26 9.95
C PHE A 40 -4.60 -10.65 8.53
N TYR A 41 -4.09 -11.78 8.01
CA TYR A 41 -4.46 -12.21 6.67
C TYR A 41 -5.95 -12.54 6.60
N GLN A 42 -6.43 -13.34 7.52
CA GLN A 42 -7.81 -13.79 7.53
C GLN A 42 -8.76 -12.60 7.66
N SER A 43 -8.43 -11.60 8.47
CA SER A 43 -9.14 -10.31 8.53
C SER A 43 -9.16 -9.60 7.19
N SER A 44 -8.01 -9.42 6.53
CA SER A 44 -7.89 -8.72 5.24
C SER A 44 -8.70 -9.39 4.14
N LEU A 45 -8.67 -10.71 4.10
CA LEU A 45 -9.39 -11.47 3.08
C LEU A 45 -10.91 -11.37 3.24
N ALA A 46 -11.42 -11.15 4.45
CA ALA A 46 -12.83 -10.86 4.67
C ALA A 46 -13.19 -9.45 4.20
N SER A 47 -12.32 -8.43 4.39
CA SER A 47 -12.56 -7.09 3.89
C SER A 47 -12.55 -7.03 2.36
N TRP A 48 -11.68 -7.79 1.69
CA TRP A 48 -11.69 -7.85 0.24
C TRP A 48 -12.99 -8.44 -0.29
N ASN A 49 -13.47 -9.54 0.31
CA ASN A 49 -14.75 -10.12 -0.06
C ASN A 49 -15.94 -9.18 0.20
N TYR A 50 -15.89 -8.36 1.25
CA TYR A 50 -16.88 -7.33 1.44
C TYR A 50 -16.82 -6.20 0.40
N ASN A 51 -15.66 -5.56 0.18
CA ASN A 51 -15.56 -4.43 -0.74
C ASN A 51 -15.85 -4.83 -2.19
N THR A 52 -15.62 -6.09 -2.58
CA THR A 52 -15.95 -6.58 -3.93
C THR A 52 -17.41 -6.99 -4.10
N ASN A 53 -18.22 -7.10 -3.02
CA ASN A 53 -19.67 -6.92 -3.10
C ASN A 53 -20.28 -6.64 -1.72
N ILE A 54 -20.84 -5.44 -1.55
CA ILE A 54 -21.50 -5.02 -0.30
C ILE A 54 -22.76 -5.88 -0.10
N THR A 55 -22.63 -6.91 0.73
CA THR A 55 -23.63 -7.97 0.95
C THR A 55 -23.54 -8.39 2.42
N GLU A 56 -24.67 -8.60 3.11
CA GLU A 56 -24.68 -8.88 4.54
C GLU A 56 -23.92 -10.17 4.90
N GLU A 57 -23.97 -11.20 4.04
CA GLU A 57 -23.21 -12.43 4.21
C GLU A 57 -21.70 -12.19 4.35
N ASN A 58 -21.18 -11.18 3.65
CA ASN A 58 -19.78 -10.77 3.75
C ASN A 58 -19.54 -9.89 4.99
N VAL A 59 -20.49 -9.01 5.33
CA VAL A 59 -20.39 -8.14 6.50
C VAL A 59 -20.30 -8.94 7.80
N GLN A 60 -21.00 -10.09 7.87
CA GLN A 60 -20.88 -10.99 9.02
C GLN A 60 -19.46 -11.52 9.16
N ASN A 61 -18.89 -12.09 8.09
CA ASN A 61 -17.52 -12.61 8.10
C ASN A 61 -16.51 -11.51 8.48
N MET A 62 -16.68 -10.31 7.91
CA MET A 62 -15.82 -9.16 8.20
C MET A 62 -15.85 -8.78 9.68
N ASN A 63 -17.02 -8.76 10.30
CA ASN A 63 -17.13 -8.48 11.73
C ASN A 63 -16.53 -9.60 12.58
N ASN A 64 -16.76 -10.86 12.22
CA ASN A 64 -16.21 -12.00 12.94
C ASN A 64 -14.67 -12.00 12.92
N ALA A 65 -14.04 -11.93 11.73
CA ALA A 65 -12.59 -11.93 11.61
C ALA A 65 -11.95 -10.64 12.15
N GLY A 66 -12.66 -9.51 12.10
CA GLY A 66 -12.22 -8.27 12.73
C GLY A 66 -12.17 -8.38 14.25
N ASP A 67 -13.21 -8.95 14.88
CA ASP A 67 -13.24 -9.18 16.32
C ASP A 67 -12.08 -10.07 16.74
N LYS A 68 -11.82 -11.19 16.04
CA LYS A 68 -10.70 -12.07 16.37
C LYS A 68 -9.36 -11.34 16.39
N TRP A 69 -9.09 -10.49 15.41
CA TRP A 69 -7.87 -9.70 15.35
C TRP A 69 -7.74 -8.72 16.52
N SER A 70 -8.73 -7.85 16.77
CA SER A 70 -8.63 -6.88 17.86
C SER A 70 -8.60 -7.54 19.24
N ALA A 71 -9.38 -8.61 19.45
CA ALA A 71 -9.39 -9.33 20.72
C ALA A 71 -8.03 -10.00 21.01
N PHE A 72 -7.35 -10.49 19.98
CA PHE A 72 -5.96 -10.94 20.08
C PHE A 72 -5.01 -9.79 20.41
N LEU A 73 -5.07 -8.68 19.68
CA LEU A 73 -4.13 -7.59 19.84
C LEU A 73 -4.10 -7.10 21.29
N LYS A 74 -5.25 -7.02 21.96
CA LYS A 74 -5.34 -6.61 23.35
C LYS A 74 -4.56 -7.53 24.31
N GLU A 75 -4.53 -8.85 24.05
CA GLU A 75 -3.79 -9.77 24.90
C GLU A 75 -2.27 -9.56 24.72
N GLN A 76 -1.77 -9.51 23.49
CA GLN A 76 -0.35 -9.31 23.21
C GLN A 76 0.13 -7.94 23.67
N SER A 77 -0.67 -6.90 23.44
CA SER A 77 -0.44 -5.57 23.99
C SER A 77 -0.28 -5.62 25.52
N THR A 78 -1.16 -6.36 26.21
CA THR A 78 -1.08 -6.49 27.66
C THR A 78 0.21 -7.20 28.08
N LEU A 79 0.61 -8.30 27.41
CA LEU A 79 1.88 -8.97 27.73
C LEU A 79 3.08 -8.04 27.52
N ALA A 80 3.09 -7.28 26.41
CA ALA A 80 4.16 -6.33 26.11
C ALA A 80 4.27 -5.24 27.16
N GLN A 81 3.18 -4.94 27.88
CA GLN A 81 3.16 -3.86 28.84
C GLN A 81 4.10 -4.12 30.03
N MET A 82 4.43 -5.37 30.31
CA MET A 82 5.20 -5.75 31.48
C MET A 82 6.68 -5.34 31.38
N TYR A 83 7.28 -5.43 30.18
CA TYR A 83 8.70 -5.14 29.98
C TYR A 83 9.02 -3.64 30.14
N PRO A 84 10.15 -3.24 30.78
CA PRO A 84 10.51 -1.83 30.87
C PRO A 84 10.90 -1.26 29.50
N LEU A 85 10.19 -0.22 29.05
CA LEU A 85 10.49 0.45 27.78
C LEU A 85 11.92 1.01 27.80
N GLN A 86 12.43 1.37 28.99
CA GLN A 86 13.74 2.00 29.13
C GLN A 86 14.92 1.02 29.01
N GLU A 87 14.69 -0.30 29.03
CA GLU A 87 15.78 -1.27 29.11
C GLU A 87 16.27 -1.76 27.73
N ILE A 88 15.39 -1.85 26.73
CA ILE A 88 15.82 -2.29 25.40
C ILE A 88 16.62 -1.17 24.71
N GLN A 89 17.71 -1.57 24.01
CA GLN A 89 18.71 -0.66 23.49
C GLN A 89 18.85 -0.73 21.96
N ASN A 90 18.62 -1.90 21.34
CA ASN A 90 18.62 -1.99 19.89
C ASN A 90 17.42 -1.21 19.32
N LEU A 91 17.68 -0.24 18.43
CA LEU A 91 16.69 0.75 18.01
C LEU A 91 15.47 0.03 17.43
N GLN A 92 15.68 -0.91 16.51
CA GLN A 92 14.58 -1.56 15.81
C GLN A 92 13.70 -2.40 16.74
N VAL A 93 14.26 -2.98 17.80
CA VAL A 93 13.43 -3.66 18.79
C VAL A 93 12.69 -2.66 19.65
N LYS A 94 13.27 -1.49 19.98
CA LYS A 94 12.54 -0.45 20.70
C LYS A 94 11.30 0.05 19.92
N LEU A 95 11.44 0.32 18.60
CA LEU A 95 10.31 0.61 17.71
C LEU A 95 9.28 -0.51 17.68
N GLN A 96 9.72 -1.76 17.44
CA GLN A 96 8.87 -2.93 17.23
C GLN A 96 8.11 -3.32 18.50
N LEU A 97 8.68 -3.09 19.69
CA LEU A 97 8.03 -3.33 20.98
C LEU A 97 7.08 -2.17 21.33
N GLN A 98 7.45 -0.91 21.08
CA GLN A 98 6.64 0.24 21.47
C GLN A 98 5.26 0.25 20.76
N ALA A 99 5.19 -0.32 19.56
CA ALA A 99 3.93 -0.48 18.84
C ALA A 99 2.92 -1.40 19.57
N LEU A 100 3.38 -2.41 20.34
CA LEU A 100 2.50 -3.25 21.14
C LEU A 100 2.11 -2.55 22.43
N GLN A 101 3.02 -1.80 23.07
CA GLN A 101 2.73 -1.16 24.35
C GLN A 101 1.68 -0.04 24.25
N GLN A 102 1.46 0.53 23.07
CA GLN A 102 0.43 1.55 22.85
C GLN A 102 -0.97 0.90 22.81
N ASN A 103 -1.92 1.46 23.58
CA ASN A 103 -3.25 0.87 23.77
C ASN A 103 -4.08 0.89 22.48
N GLY A 104 -4.24 2.07 21.87
CA GLY A 104 -5.19 2.28 20.80
C GLY A 104 -6.63 2.28 21.31
N SER A 105 -7.55 1.71 20.53
CA SER A 105 -9.00 1.77 20.76
C SER A 105 -9.47 1.08 22.05
N SER A 106 -8.63 0.25 22.68
CA SER A 106 -8.99 -0.56 23.84
C SER A 106 -9.34 0.29 25.08
N VAL A 107 -9.04 1.59 25.06
CA VAL A 107 -9.32 2.50 26.18
C VAL A 107 -10.81 2.79 26.35
N LEU A 108 -11.64 2.59 25.31
CA LEU A 108 -13.08 2.79 25.38
C LEU A 108 -13.78 1.56 25.97
N SER A 109 -14.96 1.75 26.60
CA SER A 109 -15.84 0.65 27.00
C SER A 109 -16.35 -0.11 25.78
N GLU A 110 -16.70 -1.40 25.94
CA GLU A 110 -16.98 -2.28 24.81
C GLU A 110 -18.22 -1.85 24.01
N ASP A 111 -19.26 -1.34 24.70
CA ASP A 111 -20.44 -0.75 24.06
C ASP A 111 -20.06 0.48 23.21
N LYS A 112 -19.23 1.36 23.77
CA LYS A 112 -18.78 2.61 23.15
C LYS A 112 -17.88 2.34 21.95
N SER A 113 -17.01 1.31 22.04
CA SER A 113 -16.20 0.87 20.92
C SER A 113 -17.06 0.30 19.78
N LYS A 114 -18.05 -0.55 20.09
CA LYS A 114 -18.99 -1.02 19.08
C LYS A 114 -19.82 0.11 18.48
N ARG A 115 -20.24 1.10 19.28
CA ARG A 115 -20.89 2.31 18.78
C ARG A 115 -20.02 3.00 17.73
N LEU A 116 -18.73 3.25 18.01
CA LEU A 116 -17.82 3.82 17.01
C LEU A 116 -17.71 2.95 15.76
N ASN A 117 -17.59 1.63 15.87
CA ASN A 117 -17.52 0.77 14.70
C ASN A 117 -18.82 0.75 13.88
N THR A 118 -19.99 1.00 14.47
CA THR A 118 -21.19 1.22 13.66
C THR A 118 -21.11 2.54 12.91
N ILE A 119 -20.60 3.61 13.53
CA ILE A 119 -20.51 4.90 12.87
C ILE A 119 -19.63 4.79 11.64
N LEU A 120 -18.43 4.21 11.76
CA LEU A 120 -17.52 4.08 10.62
C LEU A 120 -18.16 3.28 9.48
N ASN A 121 -18.80 2.15 9.78
CA ASN A 121 -19.42 1.30 8.76
C ASN A 121 -20.64 1.96 8.11
N THR A 122 -21.44 2.72 8.87
CA THR A 122 -22.55 3.45 8.28
C THR A 122 -22.06 4.59 7.39
N MET A 123 -21.11 5.44 7.84
CA MET A 123 -20.56 6.53 7.02
C MET A 123 -20.00 5.94 5.72
N SER A 124 -19.19 4.88 5.81
CA SER A 124 -18.65 4.20 4.64
C SER A 124 -19.73 3.70 3.68
N THR A 125 -20.80 3.09 4.20
CA THR A 125 -21.86 2.54 3.36
C THR A 125 -22.69 3.65 2.70
N ILE A 126 -22.98 4.74 3.44
CA ILE A 126 -23.66 5.90 2.88
C ILE A 126 -22.88 6.50 1.71
N TYR A 127 -21.55 6.65 1.85
CA TYR A 127 -20.73 7.16 0.76
C TYR A 127 -20.74 6.19 -0.43
N CYS A 128 -20.46 4.90 -0.20
CA CYS A 128 -20.29 3.94 -1.28
C CYS A 128 -21.58 3.53 -1.99
N THR A 129 -22.77 3.90 -1.47
CA THR A 129 -24.06 3.53 -2.05
C THR A 129 -25.05 4.72 -2.20
N GLY A 130 -24.67 5.91 -1.72
CA GLY A 130 -25.48 7.12 -1.87
C GLY A 130 -25.61 7.56 -3.33
N LYS A 131 -26.72 8.25 -3.65
CA LYS A 131 -27.11 8.54 -5.03
C LYS A 131 -28.07 9.73 -5.10
N VAL A 132 -28.23 10.28 -6.32
CA VAL A 132 -29.24 11.29 -6.64
C VAL A 132 -30.05 10.82 -7.85
N CYS A 133 -31.27 11.35 -8.01
CA CYS A 133 -32.19 10.88 -9.05
C CYS A 133 -32.84 12.07 -9.80
N ASN A 134 -33.20 11.84 -11.07
CA ASN A 134 -33.75 12.89 -11.93
C ASN A 134 -35.12 13.36 -11.40
N PRO A 135 -35.39 14.69 -11.30
CA PRO A 135 -36.60 15.20 -10.67
C PRO A 135 -37.90 14.96 -11.46
N ASP A 136 -37.81 14.78 -12.79
CA ASP A 136 -38.94 14.37 -13.62
C ASP A 136 -39.08 12.83 -13.63
N ASN A 137 -37.93 12.15 -13.64
CA ASN A 137 -37.82 10.71 -13.82
C ASN A 137 -37.14 10.05 -12.61
N PRO A 138 -37.85 9.82 -11.47
CA PRO A 138 -37.26 9.14 -10.31
C PRO A 138 -36.84 7.69 -10.58
N GLN A 139 -37.24 7.14 -11.73
CA GLN A 139 -36.75 5.86 -12.26
C GLN A 139 -35.27 5.91 -12.67
N GLU A 140 -34.71 7.10 -12.93
CA GLU A 140 -33.33 7.30 -13.37
C GLU A 140 -32.48 7.93 -12.24
N CYS A 141 -31.45 7.18 -11.81
CA CYS A 141 -30.62 7.58 -10.68
C CYS A 141 -29.12 7.41 -11.01
N LEU A 142 -28.32 8.33 -10.47
CA LEU A 142 -26.90 8.42 -10.70
C LEU A 142 -26.14 8.07 -9.41
N LEU A 143 -25.27 7.06 -9.51
CA LEU A 143 -24.18 6.87 -8.57
C LEU A 143 -23.08 7.91 -8.84
N LEU A 144 -22.12 8.06 -7.92
CA LEU A 144 -21.04 9.02 -8.13
C LEU A 144 -20.19 8.58 -9.33
N GLU A 145 -19.71 7.32 -9.34
CA GLU A 145 -18.99 6.74 -10.47
C GLU A 145 -19.87 5.71 -11.17
N PRO A 146 -20.09 5.76 -12.52
CA PRO A 146 -19.66 6.85 -13.41
C PRO A 146 -20.60 8.06 -13.48
N GLY A 147 -21.83 7.94 -12.96
CA GLY A 147 -22.92 8.87 -13.26
C GLY A 147 -22.61 10.35 -13.06
N LEU A 148 -22.40 10.79 -11.81
CA LEU A 148 -22.12 12.19 -11.54
C LEU A 148 -20.73 12.60 -11.99
N ASN A 149 -19.76 11.67 -11.99
CA ASN A 149 -18.41 11.95 -12.45
C ASN A 149 -18.41 12.36 -13.93
N GLU A 150 -19.16 11.67 -14.80
CA GLU A 150 -19.25 12.07 -16.20
C GLU A 150 -19.84 13.47 -16.37
N ILE A 151 -20.84 13.82 -15.55
CA ILE A 151 -21.42 15.16 -15.60
C ILE A 151 -20.38 16.22 -15.19
N MET A 152 -19.68 16.03 -14.07
CA MET A 152 -18.75 17.03 -13.57
C MET A 152 -17.44 17.06 -14.40
N ALA A 153 -17.05 15.96 -15.04
CA ALA A 153 -15.86 15.90 -15.87
C ALA A 153 -16.07 16.50 -17.26
N ASN A 154 -17.29 16.41 -17.84
CA ASN A 154 -17.50 16.74 -19.25
C ASN A 154 -18.63 17.74 -19.55
N SER A 155 -19.64 17.92 -18.68
CA SER A 155 -20.73 18.85 -19.00
C SER A 155 -20.24 20.31 -18.99
N LEU A 156 -20.65 21.06 -20.04
CA LEU A 156 -20.43 22.51 -20.09
C LEU A 156 -21.74 23.30 -19.88
N ASP A 157 -22.81 22.65 -19.40
CA ASP A 157 -24.01 23.35 -18.95
C ASP A 157 -23.87 23.74 -17.47
N TYR A 158 -23.69 25.05 -17.19
CA TYR A 158 -23.61 25.59 -15.84
C TYR A 158 -24.73 25.07 -14.94
N ASN A 159 -25.95 24.96 -15.46
CA ASN A 159 -27.13 24.57 -14.70
C ASN A 159 -27.07 23.09 -14.29
N GLU A 160 -26.66 22.21 -15.22
CA GLU A 160 -26.48 20.79 -14.94
C GLU A 160 -25.32 20.56 -13.97
N ARG A 161 -24.21 21.28 -14.16
CA ARG A 161 -23.07 21.23 -13.24
C ARG A 161 -23.51 21.64 -11.83
N LEU A 162 -24.22 22.77 -11.69
CA LEU A 162 -24.69 23.25 -10.41
C LEU A 162 -25.63 22.25 -9.73
N TRP A 163 -26.56 21.69 -10.49
CA TRP A 163 -27.44 20.64 -9.98
C TRP A 163 -26.64 19.44 -9.46
N ALA A 164 -25.72 18.90 -10.27
CA ALA A 164 -24.90 17.75 -9.88
C ALA A 164 -24.04 18.05 -8.64
N TRP A 165 -23.53 19.28 -8.54
CA TRP A 165 -22.70 19.72 -7.42
C TRP A 165 -23.50 19.80 -6.12
N GLU A 166 -24.62 20.53 -6.06
CA GLU A 166 -25.32 20.67 -4.78
C GLU A 166 -26.15 19.43 -4.43
N SER A 167 -26.69 18.71 -5.41
CA SER A 167 -27.54 17.55 -5.11
C SER A 167 -26.79 16.49 -4.29
N TRP A 168 -25.51 16.21 -4.57
CA TRP A 168 -24.69 15.32 -3.75
C TRP A 168 -24.52 15.81 -2.30
N ARG A 169 -24.40 17.14 -2.10
CA ARG A 169 -24.18 17.76 -0.79
C ARG A 169 -25.47 17.82 0.05
N SER A 170 -26.60 18.12 -0.60
CA SER A 170 -27.92 18.09 0.01
C SER A 170 -28.41 16.65 0.27
N GLU A 171 -28.17 15.71 -0.66
CA GLU A 171 -28.77 14.38 -0.60
C GLU A 171 -27.96 13.39 0.25
N VAL A 172 -26.62 13.50 0.28
CA VAL A 172 -25.77 12.61 1.09
C VAL A 172 -24.91 13.38 2.14
N GLY A 173 -24.29 14.50 1.79
CA GLY A 173 -23.55 15.29 2.76
C GLY A 173 -24.38 15.71 3.99
N LYS A 174 -25.70 15.91 3.81
CA LYS A 174 -26.61 16.26 4.90
C LYS A 174 -26.94 15.07 5.81
N GLN A 175 -26.83 13.82 5.32
CA GLN A 175 -27.02 12.62 6.14
C GLN A 175 -25.88 12.39 7.15
N LEU A 176 -24.65 12.74 6.77
CA LEU A 176 -23.45 12.41 7.52
C LEU A 176 -23.17 13.36 8.70
N ARG A 177 -23.80 14.55 8.75
CA ARG A 177 -23.58 15.51 9.82
C ARG A 177 -23.70 14.92 11.24
N PRO A 178 -24.80 14.23 11.65
CA PRO A 178 -24.89 13.63 12.99
C PRO A 178 -23.87 12.53 13.25
N LEU A 179 -23.53 11.72 12.23
CA LEU A 179 -22.52 10.68 12.39
C LEU A 179 -21.14 11.30 12.60
N TYR A 180 -20.79 12.34 11.83
CA TYR A 180 -19.48 12.96 11.93
C TYR A 180 -19.29 13.67 13.28
N GLU A 181 -20.36 14.25 13.84
CA GLU A 181 -20.35 14.74 15.22
C GLU A 181 -19.97 13.65 16.23
N GLU A 182 -20.61 12.47 16.14
CA GLU A 182 -20.31 11.37 17.05
C GLU A 182 -18.87 10.86 16.87
N TYR A 183 -18.44 10.71 15.63
CA TYR A 183 -17.06 10.32 15.29
C TYR A 183 -16.03 11.28 15.89
N VAL A 184 -16.21 12.60 15.74
CA VAL A 184 -15.34 13.60 16.35
C VAL A 184 -15.28 13.43 17.88
N VAL A 185 -16.43 13.20 18.52
CA VAL A 185 -16.52 13.02 19.98
C VAL A 185 -15.76 11.76 20.42
N LEU A 186 -16.06 10.60 19.84
CA LEU A 186 -15.49 9.34 20.31
C LEU A 186 -13.99 9.28 20.03
N LYS A 187 -13.53 9.64 18.83
CA LYS A 187 -12.12 9.55 18.46
C LYS A 187 -11.26 10.45 19.34
N ASN A 188 -11.73 11.64 19.71
CA ASN A 188 -11.02 12.49 20.65
C ASN A 188 -10.87 11.82 22.02
N GLU A 189 -11.94 11.26 22.59
CA GLU A 189 -11.86 10.62 23.90
C GLU A 189 -10.92 9.41 23.88
N MET A 190 -10.93 8.63 22.78
CA MET A 190 -10.00 7.53 22.56
C MET A 190 -8.55 8.04 22.48
N ALA A 191 -8.29 9.08 21.69
CA ALA A 191 -6.96 9.64 21.53
C ALA A 191 -6.42 10.23 22.84
N ARG A 192 -7.29 10.87 23.63
CA ARG A 192 -6.89 11.56 24.84
C ARG A 192 -6.53 10.56 25.96
N ALA A 193 -7.23 9.43 26.05
CA ALA A 193 -6.85 8.33 26.93
C ALA A 193 -5.55 7.63 26.48
N ASN A 194 -5.09 7.85 25.24
CA ASN A 194 -3.77 7.44 24.74
C ASN A 194 -2.71 8.56 24.89
N HIS A 195 -3.01 9.63 25.66
CA HIS A 195 -2.10 10.73 26.02
C HIS A 195 -1.78 11.73 24.89
N TYR A 196 -2.37 11.60 23.70
CA TYR A 196 -2.33 12.66 22.70
C TYR A 196 -3.28 13.80 23.11
N GLU A 197 -3.09 15.01 22.58
CA GLU A 197 -3.99 16.12 22.95
C GLU A 197 -5.40 15.94 22.34
N ASP A 198 -5.47 15.37 21.12
CA ASP A 198 -6.71 15.17 20.37
C ASP A 198 -6.46 14.16 19.25
N TYR A 199 -7.48 13.78 18.48
CA TYR A 199 -7.28 12.82 17.40
C TYR A 199 -6.50 13.39 16.22
N GLY A 200 -6.44 14.72 16.06
CA GLY A 200 -5.54 15.34 15.10
C GLY A 200 -4.08 15.03 15.46
N ASP A 201 -3.72 15.24 16.73
CA ASP A 201 -2.40 14.92 17.25
C ASP A 201 -2.04 13.44 17.06
N TYR A 202 -3.03 12.54 17.17
CA TYR A 202 -2.85 11.12 16.88
C TYR A 202 -2.34 10.92 15.45
N TRP A 203 -2.95 11.59 14.45
CA TRP A 203 -2.55 11.49 13.07
C TRP A 203 -1.18 12.14 12.79
N ARG A 204 -0.91 13.32 13.37
CA ARG A 204 0.40 13.94 13.20
C ARG A 204 1.51 13.06 13.77
N GLY A 205 1.16 12.11 14.63
CA GLY A 205 2.11 11.16 15.22
C GLY A 205 2.83 10.21 14.27
N ASP A 206 2.49 10.11 12.97
CA ASP A 206 3.29 9.31 12.07
C ASP A 206 4.61 10.00 11.68
N TYR A 207 4.65 11.33 11.77
CA TYR A 207 5.82 12.14 11.40
C TYR A 207 6.82 12.22 12.55
N GLU A 208 6.43 11.85 13.78
CA GLU A 208 7.27 11.96 14.95
C GLU A 208 8.47 10.99 14.90
N VAL A 209 9.67 11.52 15.21
CA VAL A 209 10.88 10.75 15.41
C VAL A 209 11.48 11.12 16.76
N ASN A 210 11.72 10.12 17.61
CA ASN A 210 12.28 10.34 18.94
C ASN A 210 13.27 9.23 19.29
N GLY A 211 14.17 9.51 20.24
CA GLY A 211 15.17 8.55 20.69
C GLY A 211 16.48 8.65 19.91
N VAL A 212 16.39 8.78 18.57
CA VAL A 212 17.55 9.08 17.75
C VAL A 212 17.79 10.59 17.77
N ASP A 213 18.79 11.04 18.53
CA ASP A 213 19.14 12.45 18.63
C ASP A 213 19.84 12.96 17.35
N GLY A 214 19.52 14.19 16.93
CA GLY A 214 20.10 14.76 15.73
C GLY A 214 19.29 14.51 14.45
N TYR A 215 18.30 13.61 14.53
CA TYR A 215 17.37 13.30 13.45
C TYR A 215 15.91 13.37 13.92
N ASP A 216 15.68 13.92 15.12
CA ASP A 216 14.36 14.04 15.73
C ASP A 216 13.38 14.88 14.91
N TYR A 217 12.08 14.63 15.09
CA TYR A 217 11.02 15.46 14.54
C TYR A 217 9.79 15.34 15.45
N SER A 218 8.93 16.38 15.49
CA SER A 218 7.88 16.45 16.51
C SER A 218 6.48 16.73 15.91
N ARG A 219 5.41 16.30 16.62
CA ARG A 219 4.05 16.35 16.12
C ARG A 219 3.52 17.79 15.97
N GLY A 220 4.08 18.73 16.74
CA GLY A 220 3.81 20.15 16.56
C GLY A 220 4.54 20.72 15.34
N GLN A 221 5.82 20.37 15.17
CA GLN A 221 6.64 20.90 14.09
C GLN A 221 6.05 20.61 12.70
N LEU A 222 5.35 19.50 12.50
CA LEU A 222 4.70 19.24 11.22
C LEU A 222 3.82 20.42 10.77
N ILE A 223 3.12 21.08 11.70
CA ILE A 223 2.30 22.24 11.39
C ILE A 223 3.17 23.42 10.95
N GLU A 224 4.31 23.65 11.63
CA GLU A 224 5.25 24.68 11.24
C GLU A 224 5.77 24.45 9.83
N ASP A 225 6.24 23.24 9.51
CA ASP A 225 6.84 22.99 8.20
C ASP A 225 5.81 23.00 7.05
N VAL A 226 4.59 22.48 7.28
CA VAL A 226 3.50 22.63 6.31
C VAL A 226 3.18 24.10 6.07
N GLU A 227 2.92 24.91 7.10
CA GLU A 227 2.56 26.30 6.91
C GLU A 227 3.73 27.16 6.41
N HIS A 228 4.97 26.78 6.72
CA HIS A 228 6.15 27.47 6.24
C HIS A 228 6.43 27.17 4.75
N THR A 229 6.27 25.91 4.30
CA THR A 229 6.43 25.60 2.88
C THR A 229 5.30 26.12 2.00
N PHE A 230 4.06 26.17 2.48
CA PHE A 230 2.95 26.68 1.69
C PHE A 230 3.12 28.15 1.35
N GLU A 231 3.72 28.97 2.23
CA GLU A 231 4.04 30.36 1.93
C GLU A 231 4.88 30.52 0.66
N GLU A 232 5.78 29.57 0.41
CA GLU A 232 6.67 29.63 -0.74
C GLU A 232 6.02 29.03 -2.00
N ILE A 233 4.72 28.64 -1.95
CA ILE A 233 3.99 28.06 -3.06
C ILE A 233 2.82 28.95 -3.50
N LYS A 234 2.29 29.79 -2.61
CA LYS A 234 1.22 30.72 -2.96
C LYS A 234 1.52 31.58 -4.19
N PRO A 235 2.73 32.12 -4.45
CA PRO A 235 2.98 32.90 -5.67
C PRO A 235 2.75 32.14 -6.98
N LEU A 236 3.17 30.87 -7.08
CA LEU A 236 2.84 30.07 -8.26
C LEU A 236 1.33 29.83 -8.37
N TYR A 237 0.65 29.54 -7.27
CA TYR A 237 -0.78 29.32 -7.29
C TYR A 237 -1.57 30.58 -7.68
N GLU A 238 -1.28 31.75 -7.10
CA GLU A 238 -2.01 32.98 -7.45
C GLU A 238 -1.94 33.28 -8.95
N HIS A 239 -0.78 33.07 -9.58
CA HIS A 239 -0.62 33.21 -11.01
C HIS A 239 -1.37 32.15 -11.82
N LEU A 240 -1.40 30.90 -11.37
CA LEU A 240 -2.15 29.84 -12.05
C LEU A 240 -3.66 30.03 -11.92
N HIS A 241 -4.13 30.40 -10.73
CA HIS A 241 -5.52 30.74 -10.51
C HIS A 241 -5.95 31.93 -11.37
N ALA A 242 -5.14 33.00 -11.43
CA ALA A 242 -5.44 34.15 -12.27
C ALA A 242 -5.62 33.73 -13.73
N TYR A 243 -4.72 32.91 -14.28
CA TYR A 243 -4.82 32.44 -15.66
C TYR A 243 -6.07 31.58 -15.90
N VAL A 244 -6.38 30.64 -15.01
CA VAL A 244 -7.58 29.82 -15.13
C VAL A 244 -8.84 30.68 -15.08
N ARG A 245 -8.97 31.59 -14.10
CA ARG A 245 -10.12 32.49 -14.00
C ARG A 245 -10.26 33.34 -15.27
N ALA A 246 -9.16 33.92 -15.76
CA ALA A 246 -9.17 34.73 -16.96
C ALA A 246 -9.70 33.97 -18.18
N LYS A 247 -9.48 32.64 -18.27
CA LYS A 247 -9.97 31.88 -19.41
C LYS A 247 -11.37 31.30 -19.17
N LEU A 248 -11.79 30.94 -17.95
CA LEU A 248 -13.13 30.39 -17.75
C LEU A 248 -14.22 31.41 -18.09
N MET A 249 -13.93 32.72 -18.03
CA MET A 249 -14.88 33.74 -18.46
C MET A 249 -15.29 33.61 -19.93
N ASN A 250 -14.51 32.93 -20.78
CA ASN A 250 -14.91 32.67 -22.15
C ASN A 250 -16.02 31.61 -22.22
N ALA A 251 -16.04 30.65 -21.27
CA ALA A 251 -16.91 29.49 -21.29
C ALA A 251 -18.22 29.70 -20.51
N TYR A 252 -18.18 30.57 -19.47
CA TYR A 252 -19.30 30.80 -18.57
C TYR A 252 -19.49 32.31 -18.35
N PRO A 253 -19.84 33.10 -19.40
CA PRO A 253 -19.51 34.53 -19.43
C PRO A 253 -20.16 35.44 -18.40
N SER A 254 -21.44 35.19 -18.05
CA SER A 254 -22.17 36.03 -17.11
C SER A 254 -21.99 35.59 -15.64
N TYR A 255 -21.33 34.45 -15.41
CA TYR A 255 -21.30 33.80 -14.10
C TYR A 255 -20.05 34.14 -13.29
N ILE A 256 -18.90 34.43 -13.95
CA ILE A 256 -17.61 34.60 -13.29
C ILE A 256 -17.21 36.07 -13.25
N SER A 257 -16.82 36.57 -12.06
CA SER A 257 -16.22 37.89 -11.90
C SER A 257 -14.75 37.88 -12.35
N PRO A 258 -14.23 38.93 -13.02
CA PRO A 258 -12.79 39.04 -13.31
C PRO A 258 -11.91 39.31 -12.08
N ILE A 259 -12.50 39.63 -10.91
CA ILE A 259 -11.75 39.93 -9.69
C ILE A 259 -12.15 39.05 -8.48
N GLY A 260 -13.20 38.22 -8.62
CA GLY A 260 -13.65 37.34 -7.54
C GLY A 260 -13.00 35.96 -7.53
N CYS A 261 -13.32 35.19 -6.48
CA CYS A 261 -12.96 33.78 -6.34
C CYS A 261 -13.80 32.89 -7.28
N LEU A 262 -13.33 31.68 -7.60
CA LEU A 262 -14.01 30.84 -8.59
C LEU A 262 -15.26 30.13 -8.03
N PRO A 263 -16.36 29.99 -8.82
CA PRO A 263 -17.49 29.13 -8.45
C PRO A 263 -17.12 27.65 -8.41
N ALA A 264 -17.43 26.98 -7.29
CA ALA A 264 -16.92 25.65 -6.97
C ALA A 264 -17.26 24.57 -7.98
N HIS A 265 -18.44 24.63 -8.61
CA HIS A 265 -18.90 23.61 -9.54
C HIS A 265 -18.25 23.70 -10.94
N LEU A 266 -17.59 24.83 -11.27
CA LEU A 266 -16.91 25.03 -12.54
C LEU A 266 -15.45 24.56 -12.54
N LEU A 267 -14.91 24.17 -11.37
CA LEU A 267 -13.61 23.48 -11.30
C LEU A 267 -13.71 22.09 -11.93
N GLY A 268 -12.57 21.47 -12.25
CA GLY A 268 -12.58 20.28 -13.11
C GLY A 268 -12.97 18.96 -12.43
N ASP A 269 -13.79 18.98 -11.37
CA ASP A 269 -13.94 17.89 -10.41
C ASP A 269 -15.11 18.21 -9.46
N MET A 270 -15.69 17.20 -8.79
CA MET A 270 -16.84 17.46 -7.92
C MET A 270 -16.48 18.27 -6.67
N TRP A 271 -15.27 18.10 -6.13
CA TRP A 271 -14.80 18.83 -4.94
C TRP A 271 -13.86 19.98 -5.30
N GLY A 272 -13.21 19.86 -6.47
CA GLY A 272 -12.09 20.71 -6.85
C GLY A 272 -10.76 20.15 -6.35
N ARG A 273 -10.66 18.83 -6.19
CA ARG A 273 -9.44 18.21 -5.65
C ARG A 273 -8.30 18.29 -6.68
N PHE A 274 -8.65 18.13 -7.96
CA PHE A 274 -7.72 18.26 -9.07
C PHE A 274 -8.36 19.10 -10.18
N TRP A 275 -7.59 19.99 -10.78
CA TRP A 275 -8.10 20.81 -11.85
C TRP A 275 -7.86 20.18 -13.23
N THR A 276 -7.46 18.90 -13.33
CA THR A 276 -7.08 18.28 -14.58
C THR A 276 -8.07 18.52 -15.72
N ASN A 277 -9.38 18.35 -15.47
CA ASN A 277 -10.36 18.43 -16.55
C ASN A 277 -10.69 19.88 -16.95
N LEU A 278 -10.03 20.89 -16.39
CA LEU A 278 -10.04 22.23 -16.96
C LEU A 278 -9.10 22.36 -18.17
N TYR A 279 -8.23 21.40 -18.42
CA TYR A 279 -7.21 21.55 -19.43
C TYR A 279 -7.79 21.89 -20.80
N SER A 280 -8.80 21.15 -21.28
CA SER A 280 -9.40 21.40 -22.58
C SER A 280 -9.95 22.85 -22.71
N LEU A 281 -10.33 23.48 -21.58
CA LEU A 281 -10.80 24.86 -21.58
C LEU A 281 -9.67 25.90 -21.47
N THR A 282 -8.44 25.50 -21.12
CA THR A 282 -7.38 26.42 -20.74
C THR A 282 -6.03 26.13 -21.44
N VAL A 283 -6.01 25.17 -22.36
CA VAL A 283 -4.79 24.77 -23.07
C VAL A 283 -4.19 25.97 -23.81
N PRO A 284 -2.87 26.28 -23.62
CA PRO A 284 -2.27 27.44 -24.26
C PRO A 284 -2.24 27.42 -25.79
N PHE A 285 -1.72 26.35 -26.40
CA PHE A 285 -1.43 26.28 -27.83
C PHE A 285 -2.18 25.10 -28.45
N GLY A 286 -3.46 25.34 -28.81
CA GLY A 286 -4.36 24.30 -29.30
C GLY A 286 -4.04 23.79 -30.71
N GLN A 287 -3.15 24.47 -31.45
CA GLN A 287 -2.84 24.14 -32.83
C GLN A 287 -1.84 22.97 -32.96
N LYS A 288 -1.10 22.65 -31.88
CA LYS A 288 -0.19 21.51 -31.82
C LYS A 288 -0.97 20.22 -31.58
N PRO A 289 -0.36 19.02 -31.76
CA PRO A 289 -1.01 17.77 -31.37
C PRO A 289 -1.24 17.75 -29.86
N ASN A 290 -2.37 17.18 -29.45
CA ASN A 290 -2.82 17.24 -28.06
C ASN A 290 -1.92 16.39 -27.15
N ILE A 291 -1.57 16.93 -25.96
CA ILE A 291 -0.81 16.20 -24.93
C ILE A 291 -1.72 15.26 -24.13
N ASP A 292 -3.00 15.60 -23.97
CA ASP A 292 -3.97 14.70 -23.38
C ASP A 292 -4.27 13.55 -24.35
N VAL A 293 -3.63 12.39 -24.11
CA VAL A 293 -3.78 11.21 -24.97
C VAL A 293 -5.09 10.45 -24.76
N THR A 294 -6.08 11.00 -24.04
CA THR A 294 -7.37 10.33 -23.88
C THR A 294 -7.98 9.92 -25.21
N ASP A 295 -7.96 10.83 -26.20
CA ASP A 295 -8.54 10.58 -27.51
C ASP A 295 -7.74 9.52 -28.30
N ALA A 296 -6.40 9.58 -28.24
CA ALA A 296 -5.54 8.62 -28.92
C ALA A 296 -5.67 7.19 -28.34
N MET A 297 -5.88 7.04 -27.03
CA MET A 297 -6.14 5.74 -26.43
C MET A 297 -7.50 5.18 -26.86
N VAL A 298 -8.55 6.02 -26.92
CA VAL A 298 -9.86 5.59 -27.42
C VAL A 298 -9.79 5.22 -28.89
N ASP A 299 -9.07 6.02 -29.70
CA ASP A 299 -8.89 5.79 -31.13
C ASP A 299 -8.19 4.45 -31.42
N GLN A 300 -7.08 4.16 -30.72
CA GLN A 300 -6.40 2.89 -30.81
C GLN A 300 -7.10 1.74 -30.06
N ALA A 301 -8.23 2.03 -29.39
CA ALA A 301 -9.05 1.07 -28.65
C ALA A 301 -8.26 0.29 -27.60
N TRP A 302 -7.53 0.99 -26.72
CA TRP A 302 -6.96 0.39 -25.52
C TRP A 302 -8.06 0.00 -24.53
N ASP A 303 -7.68 -0.74 -23.47
CA ASP A 303 -8.60 -1.25 -22.45
C ASP A 303 -7.93 -1.39 -21.09
N ALA A 304 -8.71 -1.78 -20.07
CA ALA A 304 -8.25 -1.90 -18.70
C ALA A 304 -6.95 -2.69 -18.56
N GLN A 305 -6.89 -3.89 -19.13
CA GLN A 305 -5.71 -4.73 -19.02
C GLN A 305 -4.50 -4.10 -19.73
N ARG A 306 -4.69 -3.46 -20.90
CA ARG A 306 -3.59 -2.81 -21.60
C ARG A 306 -3.01 -1.67 -20.76
N ILE A 307 -3.86 -0.87 -20.11
CA ILE A 307 -3.41 0.21 -19.26
C ILE A 307 -2.53 -0.29 -18.09
N PHE A 308 -2.90 -1.38 -17.41
CA PHE A 308 -2.06 -1.94 -16.36
C PHE A 308 -0.84 -2.70 -16.90
N LYS A 309 -0.90 -3.30 -18.09
CA LYS A 309 0.27 -3.87 -18.73
C LYS A 309 1.32 -2.79 -19.08
N GLU A 310 0.90 -1.66 -19.62
CA GLU A 310 1.79 -0.55 -19.88
C GLU A 310 2.32 0.07 -18.59
N ALA A 311 1.53 0.13 -17.51
CA ALA A 311 2.04 0.52 -16.20
C ALA A 311 3.15 -0.43 -15.72
N GLU A 312 2.95 -1.75 -15.83
CA GLU A 312 3.94 -2.75 -15.44
C GLU A 312 5.27 -2.58 -16.21
N LYS A 313 5.23 -2.25 -17.51
CA LYS A 313 6.45 -2.05 -18.29
C LYS A 313 7.35 -0.93 -17.75
N PHE A 314 6.80 0.13 -17.17
CA PHE A 314 7.63 1.22 -16.69
C PHE A 314 8.47 0.78 -15.49
N PHE A 315 7.82 0.18 -14.48
CA PHE A 315 8.52 -0.25 -13.27
C PHE A 315 9.58 -1.30 -13.56
N VAL A 316 9.32 -2.27 -14.45
CA VAL A 316 10.32 -3.29 -14.76
C VAL A 316 11.48 -2.72 -15.58
N SER A 317 11.27 -1.67 -16.40
CA SER A 317 12.38 -1.12 -17.16
C SER A 317 13.34 -0.27 -16.31
N VAL A 318 12.95 0.15 -15.10
CA VAL A 318 13.90 0.71 -14.13
C VAL A 318 14.41 -0.35 -13.14
N GLY A 319 14.10 -1.64 -13.35
CA GLY A 319 14.72 -2.72 -12.60
C GLY A 319 14.00 -3.16 -11.31
N LEU A 320 12.79 -2.64 -11.03
CA LEU A 320 11.93 -3.15 -9.97
C LEU A 320 11.20 -4.42 -10.43
N PRO A 321 10.63 -5.27 -9.55
CA PRO A 321 9.98 -6.52 -9.97
C PRO A 321 8.72 -6.35 -10.83
N ASN A 322 8.55 -7.25 -11.79
CA ASN A 322 7.26 -7.44 -12.46
C ASN A 322 6.22 -8.03 -11.47
N MET A 323 4.94 -7.86 -11.77
CA MET A 323 3.86 -8.18 -10.84
C MET A 323 3.73 -9.67 -10.56
N THR A 324 3.33 -9.96 -9.31
CA THR A 324 3.00 -11.28 -8.79
C THR A 324 1.83 -11.87 -9.58
N GLN A 325 1.82 -13.17 -9.89
CA GLN A 325 0.72 -13.76 -10.66
C GLN A 325 -0.64 -13.61 -9.96
N GLY A 326 -0.65 -13.62 -8.62
CA GLY A 326 -1.84 -13.36 -7.81
C GLY A 326 -2.43 -11.97 -8.03
N PHE A 327 -1.62 -10.98 -8.40
CA PHE A 327 -2.13 -9.67 -8.80
C PHE A 327 -3.02 -9.80 -10.03
N TRP A 328 -2.53 -10.44 -11.08
CA TRP A 328 -3.25 -10.52 -12.33
C TRP A 328 -4.49 -11.40 -12.23
N GLU A 329 -4.45 -12.48 -11.44
CA GLU A 329 -5.60 -13.38 -11.28
C GLU A 329 -6.67 -12.82 -10.33
N ASN A 330 -6.28 -12.20 -9.21
CA ASN A 330 -7.22 -11.81 -8.18
C ASN A 330 -7.69 -10.36 -8.25
N SER A 331 -6.96 -9.44 -8.92
CA SER A 331 -7.35 -8.03 -8.95
C SER A 331 -8.64 -7.78 -9.72
N MET A 332 -9.34 -6.70 -9.30
CA MET A 332 -10.53 -6.23 -9.99
C MET A 332 -10.18 -4.93 -10.72
N LEU A 333 -9.77 -5.04 -12.00
CA LEU A 333 -9.26 -3.92 -12.78
C LEU A 333 -10.33 -3.25 -13.66
N THR A 334 -11.55 -3.83 -13.70
CA THR A 334 -12.68 -3.36 -14.50
C THR A 334 -13.92 -3.37 -13.62
N ASP A 335 -14.86 -2.45 -13.84
CA ASP A 335 -16.12 -2.38 -13.10
C ASP A 335 -16.92 -3.68 -13.24
N PRO A 336 -17.34 -4.37 -12.13
CA PRO A 336 -18.13 -5.59 -12.25
C PRO A 336 -19.60 -5.37 -12.66
N GLY A 337 -20.07 -4.12 -12.65
CA GLY A 337 -21.43 -3.79 -13.08
C GLY A 337 -22.50 -4.16 -12.05
N ASN A 338 -23.78 -4.05 -12.47
CA ASN A 338 -24.94 -4.09 -11.57
C ASN A 338 -25.08 -5.42 -10.82
N VAL A 339 -24.38 -6.48 -11.29
CA VAL A 339 -24.30 -7.78 -10.64
C VAL A 339 -23.73 -7.66 -9.22
N GLN A 340 -22.80 -6.71 -9.00
CA GLN A 340 -22.15 -6.52 -7.70
C GLN A 340 -22.10 -5.04 -7.30
N LYS A 341 -22.55 -4.72 -6.08
CA LYS A 341 -22.36 -3.39 -5.49
C LYS A 341 -20.94 -3.32 -4.90
N ALA A 342 -19.95 -3.24 -5.80
CA ALA A 342 -18.54 -3.09 -5.44
C ALA A 342 -18.20 -1.62 -5.21
N CYS A 343 -17.20 -1.35 -4.37
CA CYS A 343 -16.64 0.00 -4.26
C CYS A 343 -15.76 0.30 -5.47
N CYS A 344 -15.80 1.55 -5.98
CA CYS A 344 -15.03 1.93 -7.16
C CYS A 344 -13.94 2.99 -6.90
N HIS A 345 -13.74 3.44 -5.64
CA HIS A 345 -12.57 4.28 -5.35
C HIS A 345 -11.28 3.46 -5.46
N PRO A 346 -10.27 3.85 -6.28
CA PRO A 346 -9.12 3.00 -6.55
C PRO A 346 -8.35 2.72 -5.26
N THR A 347 -7.94 1.47 -5.06
CA THR A 347 -7.17 1.09 -3.88
C THR A 347 -6.14 0.01 -4.20
N ALA A 348 -5.01 0.09 -3.48
CA ALA A 348 -3.94 -0.90 -3.55
C ALA A 348 -3.89 -1.65 -2.22
N TRP A 349 -4.05 -2.97 -2.29
CA TRP A 349 -4.20 -3.80 -1.11
C TRP A 349 -3.01 -4.74 -0.96
N ASP A 350 -2.46 -4.77 0.26
CA ASP A 350 -1.56 -5.81 0.71
C ASP A 350 -2.30 -6.60 1.79
N LEU A 351 -2.62 -7.87 1.50
CA LEU A 351 -3.38 -8.70 2.42
C LEU A 351 -2.48 -9.37 3.46
N GLY A 352 -1.16 -9.35 3.23
CA GLY A 352 -0.21 -10.25 3.92
C GLY A 352 0.04 -11.56 3.16
N LYS A 353 1.02 -12.35 3.60
CA LYS A 353 1.29 -13.69 3.10
C LYS A 353 1.47 -13.72 1.58
N GLY A 354 2.12 -12.68 1.06
CA GLY A 354 2.51 -12.57 -0.35
C GLY A 354 1.39 -12.17 -1.31
N ASP A 355 0.25 -11.73 -0.79
CA ASP A 355 -0.97 -11.52 -1.56
C ASP A 355 -1.23 -10.03 -1.75
N PHE A 356 -1.13 -9.54 -3.00
CA PHE A 356 -1.27 -8.12 -3.34
C PHE A 356 -2.30 -7.96 -4.46
N ARG A 357 -3.19 -6.98 -4.32
CA ARG A 357 -4.28 -6.80 -5.27
C ARG A 357 -4.59 -5.32 -5.50
N ILE A 358 -5.17 -4.99 -6.65
CA ILE A 358 -5.75 -3.66 -6.85
C ILE A 358 -7.25 -3.81 -7.13
N LEU A 359 -8.02 -2.90 -6.54
CA LEU A 359 -9.44 -2.76 -6.82
C LEU A 359 -9.63 -1.39 -7.47
N MET A 360 -10.02 -1.35 -8.74
CA MET A 360 -10.09 -0.11 -9.49
C MET A 360 -11.01 -0.25 -10.71
N CYS A 361 -12.09 0.54 -10.75
CA CYS A 361 -13.04 0.49 -11.84
C CYS A 361 -12.56 1.31 -13.05
N THR A 362 -11.46 0.92 -13.74
CA THR A 362 -10.89 1.75 -14.79
C THR A 362 -11.78 1.89 -16.04
N LYS A 363 -11.56 3.00 -16.78
CA LYS A 363 -11.99 3.12 -18.18
C LYS A 363 -10.97 3.96 -18.97
N VAL A 364 -10.97 3.82 -20.30
CA VAL A 364 -9.94 4.36 -21.19
C VAL A 364 -9.86 5.88 -21.09
N THR A 365 -8.80 6.38 -20.42
CA THR A 365 -8.60 7.80 -20.15
C THR A 365 -7.12 8.04 -19.84
N MET A 366 -6.60 9.25 -20.01
CA MET A 366 -5.26 9.53 -19.51
C MET A 366 -5.22 9.57 -17.98
N ASP A 367 -6.27 10.07 -17.33
CA ASP A 367 -6.37 10.09 -15.88
C ASP A 367 -6.27 8.69 -15.25
N ASP A 368 -7.01 7.71 -15.78
CA ASP A 368 -6.92 6.34 -15.31
C ASP A 368 -5.60 5.68 -15.72
N PHE A 369 -4.97 6.09 -16.81
CA PHE A 369 -3.63 5.61 -17.17
C PHE A 369 -2.57 6.04 -16.15
N LEU A 370 -2.58 7.32 -15.74
CA LEU A 370 -1.65 7.77 -14.73
C LEU A 370 -2.03 7.21 -13.36
N THR A 371 -3.32 7.12 -13.03
CA THR A 371 -3.73 6.54 -11.75
C THR A 371 -3.40 5.04 -11.62
N ALA A 372 -3.37 4.32 -12.74
CA ALA A 372 -2.87 2.95 -12.76
C ALA A 372 -1.38 2.89 -12.40
N HIS A 373 -0.57 3.86 -12.85
CA HIS A 373 0.82 3.96 -12.42
C HIS A 373 0.89 4.26 -10.93
N HIS A 374 0.07 5.16 -10.43
CA HIS A 374 0.13 5.52 -9.03
C HIS A 374 -0.24 4.37 -8.11
N GLU A 375 -1.40 3.72 -8.29
CA GLU A 375 -1.79 2.66 -7.37
C GLU A 375 -0.85 1.47 -7.50
N MET A 376 -0.34 1.12 -8.69
CA MET A 376 0.71 0.11 -8.82
C MET A 376 2.02 0.48 -8.10
N GLY A 377 2.31 1.77 -7.97
CA GLY A 377 3.41 2.26 -7.15
C GLY A 377 3.29 1.94 -5.67
N HIS A 378 2.07 1.91 -5.12
CA HIS A 378 1.86 1.40 -3.76
C HIS A 378 2.21 -0.08 -3.65
N ILE A 379 1.86 -0.89 -4.65
CA ILE A 379 2.16 -2.31 -4.63
C ILE A 379 3.68 -2.51 -4.70
N GLN A 380 4.44 -1.74 -5.48
CA GLN A 380 5.88 -1.90 -5.51
C GLN A 380 6.53 -1.64 -4.15
N TYR A 381 6.12 -0.60 -3.45
CA TYR A 381 6.65 -0.37 -2.11
C TYR A 381 6.23 -1.53 -1.20
N ASP A 382 4.97 -1.99 -1.26
CA ASP A 382 4.50 -3.15 -0.48
C ASP A 382 5.23 -4.46 -0.77
N MET A 383 5.77 -4.66 -1.98
CA MET A 383 6.58 -5.81 -2.30
C MET A 383 8.00 -5.67 -1.79
N ALA A 384 8.51 -4.42 -1.67
CA ALA A 384 9.91 -4.16 -1.32
C ALA A 384 10.17 -4.35 0.19
N TYR A 385 9.30 -3.82 1.06
CA TYR A 385 9.51 -3.96 2.49
C TYR A 385 8.95 -5.26 3.10
N ALA A 386 8.52 -6.24 2.28
CA ALA A 386 7.88 -7.43 2.76
C ALA A 386 8.83 -8.35 3.57
N ALA A 387 10.16 -8.17 3.48
CA ALA A 387 11.12 -8.92 4.28
C ALA A 387 11.24 -8.43 5.72
N GLN A 388 10.80 -7.20 6.02
CA GLN A 388 10.88 -6.60 7.36
C GLN A 388 9.96 -7.31 8.36
N PRO A 389 10.23 -7.25 9.67
CA PRO A 389 9.38 -7.90 10.67
C PRO A 389 8.06 -7.13 10.82
N PHE A 390 7.05 -7.80 11.39
CA PHE A 390 5.66 -7.48 11.12
C PHE A 390 5.33 -6.02 11.40
N LEU A 391 5.72 -5.46 12.56
CA LEU A 391 5.24 -4.12 12.92
C LEU A 391 6.05 -2.98 12.27
N LEU A 392 7.15 -3.30 11.58
CA LEU A 392 7.88 -2.31 10.82
C LEU A 392 7.56 -2.42 9.31
N ARG A 393 6.77 -3.43 8.90
CA ARG A 393 6.42 -3.76 7.52
C ARG A 393 5.31 -2.82 7.04
N ASN A 394 5.67 -1.54 7.02
CA ASN A 394 4.78 -0.43 6.75
C ASN A 394 5.64 0.72 6.18
N GLY A 395 5.07 1.69 5.48
CA GLY A 395 5.88 2.70 4.82
C GLY A 395 6.61 3.60 5.80
N ALA A 396 7.72 4.21 5.37
CA ALA A 396 8.59 5.01 6.23
C ALA A 396 7.92 6.25 6.81
N ASN A 397 6.89 6.76 6.10
CA ASN A 397 6.05 7.88 6.51
C ASN A 397 4.80 7.88 5.63
N GLU A 398 3.66 8.47 6.03
CA GLU A 398 2.48 8.48 5.18
C GLU A 398 2.81 9.11 3.81
N GLY A 399 3.61 10.18 3.79
CA GLY A 399 3.91 10.89 2.58
C GLY A 399 4.76 10.10 1.60
N PHE A 400 5.70 9.27 2.08
CA PHE A 400 6.49 8.48 1.18
C PHE A 400 5.57 7.50 0.46
N HIS A 401 4.57 6.93 1.13
CA HIS A 401 3.74 5.94 0.47
C HIS A 401 2.97 6.52 -0.73
N GLU A 402 2.41 7.74 -0.59
CA GLU A 402 1.75 8.44 -1.68
C GLU A 402 2.71 9.16 -2.63
N ALA A 403 4.03 9.19 -2.38
CA ALA A 403 5.02 9.79 -3.28
C ALA A 403 5.65 8.78 -4.25
N VAL A 404 5.83 7.52 -3.87
CA VAL A 404 6.58 6.55 -4.67
C VAL A 404 5.86 6.21 -5.97
N GLY A 405 4.53 6.23 -5.97
CA GLY A 405 3.79 6.13 -7.22
C GLY A 405 3.85 7.40 -8.07
N GLU A 406 3.69 8.57 -7.46
CA GLU A 406 3.64 9.82 -8.20
C GLU A 406 4.99 10.24 -8.81
N ILE A 407 6.10 9.66 -8.40
CA ILE A 407 7.38 9.81 -9.09
C ILE A 407 7.34 9.18 -10.48
N MET A 408 6.56 8.12 -10.66
CA MET A 408 6.46 7.47 -11.96
C MET A 408 5.51 8.24 -12.88
N SER A 409 4.40 8.78 -12.38
CA SER A 409 3.55 9.62 -13.21
C SER A 409 4.28 10.91 -13.64
N LEU A 410 5.14 11.52 -12.83
CA LEU A 410 5.97 12.65 -13.26
C LEU A 410 6.82 12.31 -14.47
N SER A 411 7.22 11.04 -14.60
CA SER A 411 8.07 10.56 -15.67
C SER A 411 7.27 10.03 -16.86
N ALA A 412 6.18 9.31 -16.61
CA ALA A 412 5.39 8.62 -17.63
C ALA A 412 4.47 9.56 -18.42
N ALA A 413 4.12 10.72 -17.87
CA ALA A 413 3.24 11.67 -18.51
C ALA A 413 3.92 12.49 -19.62
N THR A 414 5.26 12.44 -19.74
CA THR A 414 6.02 13.33 -20.63
C THR A 414 5.75 13.07 -22.10
N PRO A 415 5.72 14.09 -22.99
CA PRO A 415 5.51 13.83 -24.42
C PRO A 415 6.58 12.91 -25.00
N LYS A 416 7.82 13.06 -24.52
CA LYS A 416 8.92 12.14 -24.80
C LYS A 416 8.51 10.68 -24.57
N HIS A 417 8.03 10.34 -23.37
CA HIS A 417 7.60 8.97 -23.09
C HIS A 417 6.38 8.56 -23.92
N LEU A 418 5.37 9.43 -24.04
CA LEU A 418 4.12 9.11 -24.74
C LEU A 418 4.37 8.79 -26.21
N LYS A 419 5.32 9.45 -26.87
CA LYS A 419 5.72 9.11 -28.24
C LYS A 419 6.38 7.72 -28.30
N SER A 420 7.18 7.37 -27.29
CA SER A 420 7.88 6.10 -27.22
C SER A 420 6.95 4.89 -27.02
N ILE A 421 5.71 5.11 -26.54
CA ILE A 421 4.70 4.04 -26.41
C ILE A 421 3.60 4.13 -27.48
N GLY A 422 3.72 5.06 -28.44
CA GLY A 422 2.82 5.11 -29.59
C GLY A 422 1.48 5.80 -29.34
N LEU A 423 1.32 6.53 -28.22
CA LEU A 423 0.13 7.36 -28.00
C LEU A 423 0.27 8.75 -28.63
N LEU A 424 1.47 9.14 -29.11
CA LEU A 424 1.66 10.27 -29.99
C LEU A 424 2.27 9.79 -31.33
N SER A 425 1.96 10.52 -32.42
CA SER A 425 2.51 10.26 -33.74
C SER A 425 4.04 10.39 -33.74
N PRO A 426 4.79 9.53 -34.48
CA PRO A 426 6.25 9.59 -34.49
C PRO A 426 6.84 10.90 -35.04
N ASP A 427 6.04 11.71 -35.75
CA ASP A 427 6.49 13.00 -36.27
C ASP A 427 6.30 14.17 -35.29
N PHE A 428 5.81 13.92 -34.06
CA PHE A 428 5.57 14.95 -33.05
C PHE A 428 6.85 15.74 -32.75
N GLN A 429 6.72 17.08 -32.62
CA GLN A 429 7.86 17.98 -32.43
C GLN A 429 7.92 18.53 -30.99
N GLU A 430 9.11 18.42 -30.39
CA GLU A 430 9.34 18.79 -28.99
C GLU A 430 9.71 20.28 -28.86
N ASP A 431 8.94 21.17 -29.50
CA ASP A 431 9.28 22.59 -29.55
C ASP A 431 8.87 23.35 -28.29
N ASN A 432 9.14 24.67 -28.29
CA ASN A 432 8.97 25.52 -27.12
C ASN A 432 7.50 25.90 -26.84
N GLU A 433 6.54 25.48 -27.67
CA GLU A 433 5.12 25.55 -27.35
C GLU A 433 4.64 24.22 -26.77
N THR A 434 5.13 23.08 -27.26
CA THR A 434 4.90 21.80 -26.61
C THR A 434 5.31 21.81 -25.13
N GLU A 435 6.43 22.42 -24.76
CA GLU A 435 6.87 22.50 -23.36
C GLU A 435 5.89 23.24 -22.44
N ILE A 436 5.21 24.26 -22.93
CA ILE A 436 4.25 24.97 -22.12
C ILE A 436 2.89 24.26 -22.12
N ASN A 437 2.47 23.65 -23.23
CA ASN A 437 1.29 22.79 -23.27
C ASN A 437 1.41 21.62 -22.29
N PHE A 438 2.60 21.08 -22.06
CA PHE A 438 2.82 20.04 -21.07
C PHE A 438 2.82 20.61 -19.65
N LEU A 439 3.60 21.64 -19.34
CA LEU A 439 3.64 22.14 -17.98
C LEU A 439 2.29 22.69 -17.52
N LEU A 440 1.51 23.34 -18.38
CA LEU A 440 0.21 23.83 -17.93
C LEU A 440 -0.68 22.67 -17.54
N LYS A 441 -0.60 21.52 -18.21
CA LYS A 441 -1.33 20.33 -17.78
C LYS A 441 -0.88 19.89 -16.37
N GLN A 442 0.43 19.72 -16.14
CA GLN A 442 0.96 19.28 -14.85
C GLN A 442 0.61 20.25 -13.71
N ALA A 443 0.66 21.55 -13.96
CA ALA A 443 0.38 22.55 -12.95
C ALA A 443 -1.06 22.50 -12.49
N LEU A 444 -2.01 22.16 -13.38
CA LEU A 444 -3.40 22.00 -12.98
C LEU A 444 -3.54 20.90 -11.92
N THR A 445 -2.97 19.72 -12.17
CA THR A 445 -3.01 18.65 -11.18
C THR A 445 -2.26 19.04 -9.90
N ILE A 446 -0.96 19.32 -9.99
CA ILE A 446 -0.03 19.29 -8.86
C ILE A 446 -0.09 20.58 -8.08
N VAL A 447 -0.21 21.75 -8.69
CA VAL A 447 -0.34 22.98 -7.92
C VAL A 447 -1.80 23.29 -7.59
N GLY A 448 -2.76 22.99 -8.48
CA GLY A 448 -4.17 23.14 -8.18
C GLY A 448 -4.62 22.34 -6.95
N THR A 449 -4.01 21.16 -6.69
CA THR A 449 -4.39 20.33 -5.54
C THR A 449 -3.79 20.79 -4.21
N LEU A 450 -2.72 21.60 -4.22
CA LEU A 450 -2.01 21.88 -2.98
C LEU A 450 -2.86 22.69 -2.01
N PRO A 451 -3.41 23.88 -2.33
CA PRO A 451 -4.19 24.66 -1.38
C PRO A 451 -5.42 23.94 -0.84
N PHE A 452 -6.14 23.20 -1.68
CA PHE A 452 -7.23 22.35 -1.24
C PHE A 452 -6.77 21.31 -0.22
N THR A 453 -5.64 20.63 -0.48
CA THR A 453 -5.12 19.57 0.37
C THR A 453 -4.63 20.08 1.72
N TYR A 454 -3.96 21.23 1.74
CA TYR A 454 -3.58 21.87 3.00
C TYR A 454 -4.81 22.36 3.74
N MET A 455 -5.69 23.11 3.09
CA MET A 455 -6.84 23.72 3.74
C MET A 455 -7.80 22.69 4.37
N LEU A 456 -8.11 21.59 3.68
CA LEU A 456 -9.01 20.59 4.22
C LEU A 456 -8.50 20.00 5.54
N GLU A 457 -7.20 19.72 5.61
CA GLU A 457 -6.65 19.14 6.81
C GLU A 457 -6.56 20.18 7.94
N LYS A 458 -6.24 21.43 7.64
CA LYS A 458 -6.32 22.49 8.65
C LYS A 458 -7.71 22.54 9.31
N TRP A 459 -8.79 22.41 8.55
CA TRP A 459 -10.13 22.36 9.11
C TRP A 459 -10.29 21.20 10.09
N ARG A 460 -9.89 19.98 9.72
CA ARG A 460 -10.02 18.81 10.61
C ARG A 460 -9.16 18.92 11.87
N TRP A 461 -7.91 19.36 11.72
CA TRP A 461 -7.02 19.58 12.86
C TRP A 461 -7.68 20.52 13.87
N MET A 462 -8.29 21.61 13.40
CA MET A 462 -9.00 22.51 14.30
C MET A 462 -10.29 21.88 14.84
N VAL A 463 -11.10 21.20 14.02
CA VAL A 463 -12.33 20.58 14.51
C VAL A 463 -12.06 19.55 15.62
N PHE A 464 -11.02 18.72 15.52
CA PHE A 464 -10.63 17.83 16.61
C PHE A 464 -10.06 18.60 17.82
N LYS A 465 -9.21 19.62 17.59
CA LYS A 465 -8.56 20.38 18.66
C LYS A 465 -9.51 21.30 19.45
N GLY A 466 -10.59 21.74 18.83
CA GLY A 466 -11.34 22.90 19.29
C GLY A 466 -10.92 24.18 18.56
N GLU A 467 -11.56 25.30 18.91
CA GLU A 467 -11.42 26.57 18.20
C GLU A 467 -12.28 26.62 16.92
N ILE A 468 -13.07 25.55 16.62
CA ILE A 468 -14.21 25.61 15.71
C ILE A 468 -15.40 24.94 16.40
N PRO A 469 -16.32 25.72 17.02
CA PRO A 469 -17.47 25.14 17.72
C PRO A 469 -18.52 24.60 16.74
N LYS A 470 -19.44 23.79 17.27
CA LYS A 470 -20.39 22.98 16.51
C LYS A 470 -21.24 23.82 15.54
N ASP A 471 -21.63 25.05 15.94
CA ASP A 471 -22.48 25.90 15.10
C ASP A 471 -21.68 26.75 14.10
N GLN A 472 -20.39 26.41 13.86
CA GLN A 472 -19.53 27.14 12.93
C GLN A 472 -18.70 26.21 12.03
N TRP A 473 -18.98 24.90 12.03
CA TRP A 473 -18.27 23.94 11.19
C TRP A 473 -18.30 24.35 9.70
N MET A 474 -19.50 24.55 9.14
CA MET A 474 -19.65 24.98 7.76
C MET A 474 -19.30 26.46 7.58
N LYS A 475 -19.53 27.31 8.59
CA LYS A 475 -19.14 28.71 8.53
C LYS A 475 -17.63 28.84 8.28
N LYS A 476 -16.78 28.24 9.12
CA LYS A 476 -15.33 28.39 8.97
C LYS A 476 -14.77 27.63 7.77
N TRP A 477 -15.36 26.47 7.40
CA TRP A 477 -15.00 25.78 6.16
C TRP A 477 -15.12 26.69 4.93
N TRP A 478 -16.29 27.28 4.70
CA TRP A 478 -16.48 28.13 3.53
C TRP A 478 -15.71 29.45 3.62
N GLU A 479 -15.51 30.03 4.82
CA GLU A 479 -14.59 31.13 4.99
C GLU A 479 -13.17 30.75 4.56
N MET A 480 -12.68 29.57 4.96
CA MET A 480 -11.34 29.16 4.57
C MET A 480 -11.23 28.82 3.08
N LYS A 481 -12.25 28.21 2.45
CA LYS A 481 -12.20 28.00 1.00
C LYS A 481 -12.13 29.33 0.22
N ARG A 482 -12.87 30.35 0.66
CA ARG A 482 -12.81 31.68 0.05
C ARG A 482 -11.48 32.39 0.34
N GLU A 483 -10.96 32.28 1.56
CA GLU A 483 -9.75 33.00 1.95
C GLU A 483 -8.46 32.32 1.42
N ILE A 484 -8.30 31.01 1.63
CA ILE A 484 -7.08 30.27 1.31
C ILE A 484 -7.07 29.77 -0.13
N VAL A 485 -8.15 29.09 -0.55
CA VAL A 485 -8.17 28.37 -1.84
C VAL A 485 -8.65 29.27 -2.98
N GLY A 486 -9.44 30.32 -2.68
CA GLY A 486 -10.00 31.19 -3.70
C GLY A 486 -11.19 30.57 -4.42
N VAL A 487 -11.97 29.76 -3.72
CA VAL A 487 -13.15 29.09 -4.26
C VAL A 487 -14.36 29.46 -3.39
N VAL A 488 -15.54 29.59 -4.04
CA VAL A 488 -16.75 30.05 -3.37
C VAL A 488 -17.94 29.15 -3.72
N GLU A 489 -18.84 28.97 -2.74
CA GLU A 489 -20.03 28.14 -2.90
C GLU A 489 -21.06 28.80 -3.83
N PRO A 490 -21.76 28.02 -4.69
CA PRO A 490 -22.82 28.58 -5.54
C PRO A 490 -24.01 29.15 -4.78
N VAL A 491 -24.40 28.52 -3.66
CA VAL A 491 -25.51 28.95 -2.81
C VAL A 491 -25.16 28.60 -1.36
N PRO A 492 -25.49 29.42 -0.34
CA PRO A 492 -25.06 29.16 1.04
C PRO A 492 -25.54 27.81 1.60
N HIS A 493 -24.61 27.15 2.32
CA HIS A 493 -24.89 25.95 3.09
C HIS A 493 -24.87 26.31 4.59
N ASP A 494 -25.92 25.87 5.30
CA ASP A 494 -26.06 26.04 6.73
C ASP A 494 -25.54 24.81 7.50
N GLU A 495 -25.53 24.88 8.84
CA GLU A 495 -24.93 23.84 9.69
C GLU A 495 -25.74 22.52 9.75
N THR A 496 -26.83 22.36 8.99
CA THR A 496 -27.42 21.04 8.78
C THR A 496 -26.63 20.22 7.76
N TYR A 497 -26.01 20.89 6.78
CA TYR A 497 -25.15 20.24 5.81
C TYR A 497 -23.83 19.79 6.45
N CYS A 498 -23.15 18.85 5.80
CA CYS A 498 -21.73 18.65 5.99
C CYS A 498 -21.06 18.44 4.63
N ASP A 499 -20.41 19.48 4.10
CA ASP A 499 -19.75 19.32 2.81
C ASP A 499 -18.49 18.46 2.93
N PRO A 500 -17.59 18.64 3.92
CA PRO A 500 -16.36 17.85 3.99
C PRO A 500 -16.61 16.35 3.98
N ALA A 501 -17.62 15.88 4.73
CA ALA A 501 -17.99 14.48 4.80
C ALA A 501 -18.36 13.90 3.43
N SER A 502 -18.70 14.75 2.45
CA SER A 502 -19.05 14.30 1.10
C SER A 502 -17.82 13.88 0.26
N LEU A 503 -16.60 13.92 0.83
CA LEU A 503 -15.38 13.41 0.20
C LEU A 503 -14.94 12.11 0.88
N PHE A 504 -14.54 11.11 0.08
CA PHE A 504 -14.14 9.78 0.55
C PHE A 504 -13.20 9.81 1.76
N HIS A 505 -12.10 10.55 1.71
CA HIS A 505 -11.11 10.55 2.77
C HIS A 505 -11.62 11.13 4.08
N VAL A 506 -12.63 12.01 4.04
CA VAL A 506 -13.24 12.54 5.26
C VAL A 506 -14.24 11.53 5.80
N SER A 507 -15.09 11.00 4.91
CA SER A 507 -16.08 9.97 5.23
C SER A 507 -15.45 8.71 5.85
N ASN A 508 -14.37 8.22 5.26
CA ASN A 508 -13.84 6.90 5.57
C ASN A 508 -12.56 6.97 6.44
N ASP A 509 -12.40 8.05 7.25
CA ASP A 509 -11.41 8.18 8.33
C ASP A 509 -9.96 8.03 7.87
N TYR A 510 -9.48 8.85 6.91
CA TYR A 510 -8.07 8.96 6.56
C TYR A 510 -7.50 10.38 6.73
N SER A 511 -6.27 10.49 7.27
CA SER A 511 -5.48 11.72 7.27
C SER A 511 -5.27 12.20 5.83
N PHE A 512 -5.47 13.50 5.60
CA PHE A 512 -5.30 14.07 4.27
C PHE A 512 -3.90 14.65 4.05
N ILE A 513 -3.15 14.99 5.10
CA ILE A 513 -1.86 15.65 4.93
C ILE A 513 -0.86 14.79 4.16
N ARG A 514 -1.01 13.47 4.09
CA ARG A 514 -0.16 12.67 3.22
C ARG A 514 -0.11 13.18 1.77
N TYR A 515 -1.20 13.75 1.28
CA TYR A 515 -1.25 14.24 -0.09
C TYR A 515 -0.55 15.60 -0.20
N TYR A 516 -0.36 16.35 0.89
CA TYR A 516 0.49 17.52 0.82
C TYR A 516 1.96 17.10 0.84
N THR A 517 2.42 16.38 1.86
CA THR A 517 3.83 16.07 1.98
C THR A 517 4.35 15.21 0.84
N ARG A 518 3.58 14.31 0.28
CA ARG A 518 4.02 13.60 -0.92
C ARG A 518 4.26 14.54 -2.10
N THR A 519 3.54 15.66 -2.20
CA THR A 519 3.65 16.59 -3.30
C THR A 519 4.96 17.38 -3.25
N LEU A 520 5.61 17.45 -2.06
CA LEU A 520 6.96 17.97 -1.95
C LEU A 520 7.99 16.86 -2.17
N TYR A 521 7.80 15.70 -1.56
CA TYR A 521 8.77 14.60 -1.66
C TYR A 521 8.91 14.11 -3.09
N GLN A 522 7.86 14.18 -3.92
CA GLN A 522 7.96 13.62 -5.26
C GLN A 522 8.99 14.36 -6.11
N PHE A 523 9.19 15.67 -5.91
CA PHE A 523 10.19 16.41 -6.65
C PHE A 523 11.58 16.24 -6.07
N GLN A 524 11.74 16.22 -4.73
CA GLN A 524 13.00 15.89 -4.09
C GLN A 524 13.54 14.54 -4.61
N PHE A 525 12.73 13.49 -4.59
CA PHE A 525 13.17 12.21 -5.13
C PHE A 525 13.36 12.30 -6.63
N GLN A 526 12.50 12.98 -7.39
CA GLN A 526 12.65 13.04 -8.84
C GLN A 526 13.98 13.67 -9.25
N GLU A 527 14.36 14.81 -8.68
CA GLU A 527 15.66 15.41 -8.97
C GLU A 527 16.81 14.44 -8.69
N ALA A 528 16.82 13.83 -7.51
CA ALA A 528 17.86 12.90 -7.09
C ALA A 528 17.88 11.61 -7.90
N LEU A 529 16.76 11.20 -8.51
CA LEU A 529 16.77 10.07 -9.43
C LEU A 529 17.29 10.49 -10.80
N CYS A 530 16.98 11.69 -11.31
CA CYS A 530 17.47 12.11 -12.61
C CYS A 530 19.00 12.16 -12.65
N GLN A 531 19.65 12.58 -11.56
CA GLN A 531 21.11 12.55 -11.48
C GLN A 531 21.68 11.13 -11.58
N ALA A 532 21.00 10.14 -10.99
CA ALA A 532 21.40 8.74 -11.13
C ALA A 532 21.22 8.23 -12.58
N ALA A 533 20.21 8.74 -13.29
CA ALA A 533 20.05 8.52 -14.72
C ALA A 533 20.99 9.40 -15.58
N LYS A 534 21.93 10.14 -14.95
CA LYS A 534 22.94 10.98 -15.60
C LYS A 534 22.33 12.04 -16.53
N HIS A 535 21.08 12.46 -16.25
CA HIS A 535 20.34 13.41 -17.07
C HIS A 535 20.86 14.85 -16.90
N GLU A 536 20.83 15.61 -18.01
CA GLU A 536 21.05 17.05 -17.99
C GLU A 536 20.15 17.73 -19.04
N GLY A 537 19.89 19.02 -18.84
CA GLY A 537 18.72 19.68 -19.42
C GLY A 537 17.65 19.94 -18.35
N PRO A 538 16.50 20.57 -18.70
CA PRO A 538 15.47 20.89 -17.72
C PRO A 538 14.91 19.64 -17.04
N LEU A 539 14.62 19.76 -15.74
CA LEU A 539 14.06 18.67 -14.96
C LEU A 539 12.74 18.17 -15.57
N HIS A 540 11.93 19.07 -16.14
CA HIS A 540 10.60 18.71 -16.64
C HIS A 540 10.56 17.95 -17.96
N LYS A 541 11.71 17.41 -18.42
CA LYS A 541 11.75 16.42 -19.49
C LYS A 541 12.73 15.28 -19.17
N CYS A 542 13.02 15.07 -17.89
CA CYS A 542 13.70 13.89 -17.41
C CYS A 542 12.77 12.67 -17.45
N ASP A 543 13.13 11.65 -18.25
CA ASP A 543 12.57 10.31 -18.08
C ASP A 543 13.60 9.42 -17.41
N ILE A 544 13.23 8.80 -16.28
CA ILE A 544 14.09 7.82 -15.64
C ILE A 544 13.94 6.42 -16.25
N SER A 545 13.13 6.26 -17.30
CA SER A 545 12.44 5.01 -17.61
C SER A 545 13.36 3.84 -17.94
N ASN A 546 14.58 4.07 -18.47
CA ASN A 546 15.49 2.97 -18.75
C ASN A 546 16.64 2.86 -17.73
N SER A 547 16.77 3.78 -16.78
CA SER A 547 17.90 3.79 -15.84
C SER A 547 17.70 2.81 -14.68
N THR A 548 18.34 1.64 -14.75
CA THR A 548 18.39 0.73 -13.63
C THR A 548 19.12 1.34 -12.42
N GLU A 549 20.00 2.32 -12.66
CA GLU A 549 20.74 3.01 -11.62
C GLU A 549 19.83 3.90 -10.77
N ALA A 550 18.87 4.62 -11.42
CA ALA A 550 17.86 5.41 -10.73
C ALA A 550 16.88 4.50 -9.97
N GLY A 551 16.47 3.39 -10.57
CA GLY A 551 15.65 2.40 -9.88
C GLY A 551 16.34 1.82 -8.65
N GLN A 552 17.63 1.46 -8.71
CA GLN A 552 18.36 1.01 -7.55
C GLN A 552 18.51 2.09 -6.50
N LYS A 553 18.70 3.35 -6.86
CA LYS A 553 18.81 4.42 -5.86
C LYS A 553 17.53 4.54 -5.02
N LEU A 554 16.36 4.26 -5.65
CA LEU A 554 15.07 4.21 -4.98
C LEU A 554 14.88 2.90 -4.21
N PHE A 555 15.11 1.74 -4.84
CA PHE A 555 14.81 0.44 -4.25
C PHE A 555 15.51 0.24 -2.90
N ASN A 556 16.77 0.64 -2.79
CA ASN A 556 17.52 0.49 -1.56
C ASN A 556 17.02 1.39 -0.42
N MET A 557 16.01 2.22 -0.68
CA MET A 557 15.29 2.95 0.37
C MET A 557 13.88 2.36 0.56
N LEU A 558 13.23 1.82 -0.49
CA LEU A 558 11.95 1.17 -0.33
C LEU A 558 12.06 -0.08 0.57
N ARG A 559 13.15 -0.85 0.51
CA ARG A 559 13.25 -2.12 1.24
C ARG A 559 13.35 -1.94 2.76
N LEU A 560 13.35 -0.72 3.29
CA LEU A 560 13.53 -0.46 4.71
C LEU A 560 12.26 -0.71 5.54
N GLY A 561 11.07 -0.42 5.02
CA GLY A 561 9.92 -0.21 5.90
C GLY A 561 10.15 0.90 6.93
N LYS A 562 9.58 0.82 8.13
CA LYS A 562 9.76 1.85 9.15
C LYS A 562 11.10 1.73 9.91
N SER A 563 12.05 0.88 9.47
CA SER A 563 13.14 0.46 10.34
C SER A 563 14.16 1.58 10.63
N GLU A 564 14.31 2.57 9.73
CA GLU A 564 15.08 3.78 10.00
C GLU A 564 14.15 4.99 9.89
N PRO A 565 14.32 6.03 10.74
CA PRO A 565 13.41 7.18 10.75
C PRO A 565 13.32 7.87 9.39
N TRP A 566 12.16 8.46 9.10
CA TRP A 566 11.92 9.03 7.78
C TRP A 566 12.92 10.14 7.50
N THR A 567 13.32 10.92 8.52
CA THR A 567 14.28 12.01 8.38
C THR A 567 15.61 11.51 7.84
N LEU A 568 16.07 10.36 8.32
CA LEU A 568 17.31 9.78 7.91
C LEU A 568 17.14 9.02 6.59
N ALA A 569 16.01 8.36 6.36
CA ALA A 569 15.75 7.64 5.11
C ALA A 569 15.65 8.59 3.90
N LEU A 570 15.09 9.80 4.11
CA LEU A 570 15.11 10.87 3.14
C LEU A 570 16.53 11.38 2.98
N GLU A 571 17.20 11.73 4.08
CA GLU A 571 18.50 12.39 4.03
C GLU A 571 19.54 11.54 3.30
N ASN A 572 19.50 10.21 3.43
CA ASN A 572 20.37 9.31 2.68
C ASN A 572 20.17 9.38 1.16
N VAL A 573 18.95 9.63 0.68
CA VAL A 573 18.63 9.57 -0.75
C VAL A 573 18.77 10.93 -1.44
N VAL A 574 18.52 12.06 -0.75
CA VAL A 574 18.52 13.37 -1.39
C VAL A 574 19.28 14.45 -0.60
N GLY A 575 19.83 14.14 0.58
CA GLY A 575 20.73 15.03 1.28
C GLY A 575 20.04 16.16 2.05
N ALA A 576 18.75 15.97 2.38
CA ALA A 576 18.02 16.90 3.25
C ALA A 576 17.23 16.11 4.29
N LYS A 577 17.14 16.60 5.54
CA LYS A 577 16.41 15.90 6.60
C LYS A 577 15.04 16.52 6.88
N ASN A 578 14.45 17.20 5.87
CA ASN A 578 13.12 17.78 5.96
C ASN A 578 12.54 17.96 4.55
N MET A 579 11.23 18.19 4.43
CA MET A 579 10.59 18.46 3.15
C MET A 579 11.04 19.84 2.65
N ASN A 580 11.26 19.95 1.33
CA ASN A 580 11.86 21.12 0.73
C ASN A 580 11.08 21.54 -0.53
N VAL A 581 10.82 22.84 -0.68
CA VAL A 581 10.05 23.37 -1.79
C VAL A 581 10.92 23.62 -3.02
N ARG A 582 12.25 23.80 -2.87
CA ARG A 582 13.10 24.23 -3.98
C ARG A 582 12.92 23.38 -5.24
N PRO A 583 12.92 22.03 -5.23
CA PRO A 583 12.76 21.26 -6.47
C PRO A 583 11.39 21.36 -7.12
N LEU A 584 10.31 21.67 -6.37
CA LEU A 584 8.99 21.92 -6.94
C LEU A 584 9.03 23.18 -7.79
N LEU A 585 9.52 24.28 -7.22
CA LEU A 585 9.56 25.53 -7.96
C LEU A 585 10.48 25.40 -9.17
N ASN A 586 11.66 24.82 -9.02
CA ASN A 586 12.57 24.64 -10.14
C ASN A 586 12.00 23.75 -11.25
N TYR A 587 10.92 23.00 -11.02
CA TYR A 587 10.25 22.24 -12.08
C TYR A 587 9.32 23.16 -12.88
N PHE A 588 8.55 24.01 -12.20
CA PHE A 588 7.53 24.83 -12.84
C PHE A 588 8.07 26.19 -13.31
N GLU A 589 9.32 26.57 -13.06
CA GLU A 589 9.80 27.91 -13.41
C GLU A 589 9.60 28.32 -14.89
N PRO A 590 9.78 27.44 -15.90
CA PRO A 590 9.46 27.74 -17.30
C PRO A 590 8.00 28.06 -17.57
N LEU A 591 7.08 27.52 -16.77
CA LEU A 591 5.69 27.94 -16.79
C LEU A 591 5.49 29.23 -15.99
N PHE A 592 6.05 29.32 -14.79
CA PHE A 592 5.78 30.45 -13.92
C PHE A 592 6.15 31.79 -14.57
N THR A 593 7.31 31.84 -15.24
CA THR A 593 7.71 33.01 -16.01
C THR A 593 6.68 33.38 -17.08
N TRP A 594 6.12 32.39 -17.79
CA TRP A 594 5.11 32.63 -18.81
C TRP A 594 3.77 33.10 -18.20
N LEU A 595 3.33 32.52 -17.08
CA LEU A 595 2.11 32.98 -16.44
C LEU A 595 2.24 34.43 -15.97
N LYS A 596 3.39 34.83 -15.43
CA LYS A 596 3.67 36.22 -15.06
C LYS A 596 3.55 37.18 -16.25
N ASP A 597 3.93 36.73 -17.44
CA ASP A 597 3.76 37.46 -18.68
C ASP A 597 2.27 37.54 -19.05
N GLN A 598 1.55 36.41 -19.07
CA GLN A 598 0.13 36.38 -19.40
C GLN A 598 -0.74 37.23 -18.46
N ASN A 599 -0.42 37.27 -17.18
CA ASN A 599 -1.21 37.96 -16.18
C ASN A 599 -0.92 39.48 -16.10
N LYS A 600 0.00 40.04 -16.90
CA LYS A 600 0.44 41.43 -16.76
C LYS A 600 -0.68 42.46 -16.97
N ASN A 601 -1.71 42.08 -17.75
CA ASN A 601 -2.81 42.97 -18.12
C ASN A 601 -4.09 42.72 -17.30
N SER A 602 -4.03 41.85 -16.27
CA SER A 602 -5.22 41.42 -15.51
C SER A 602 -4.94 41.31 -14.00
N PHE A 603 -6.00 41.17 -13.20
CA PHE A 603 -5.89 41.16 -11.75
C PHE A 603 -5.30 39.84 -11.25
N VAL A 604 -4.32 39.91 -10.32
CA VAL A 604 -3.75 38.73 -9.67
C VAL A 604 -4.19 38.71 -8.20
N GLY A 605 -4.67 37.53 -7.75
CA GLY A 605 -5.39 37.42 -6.48
C GLY A 605 -6.90 37.53 -6.67
N TRP A 606 -7.63 37.62 -5.55
CA TRP A 606 -9.08 37.68 -5.57
C TRP A 606 -9.63 38.46 -4.38
N SER A 607 -10.80 39.08 -4.59
CA SER A 607 -11.68 39.51 -3.51
C SER A 607 -12.35 38.28 -2.89
N THR A 608 -12.51 38.30 -1.56
CA THR A 608 -13.27 37.28 -0.83
C THR A 608 -14.77 37.62 -0.73
N ASP A 609 -15.17 38.85 -1.10
CA ASP A 609 -16.52 39.36 -0.89
C ASP A 609 -17.50 39.04 -2.04
N TRP A 610 -16.99 38.79 -3.26
CA TRP A 610 -17.85 38.46 -4.40
C TRP A 610 -18.56 37.11 -4.20
N SER A 611 -19.82 37.00 -4.67
CA SER A 611 -20.70 35.88 -4.40
C SER A 611 -21.46 35.40 -5.65
N PRO A 612 -21.49 34.09 -6.00
CA PRO A 612 -22.33 33.59 -7.09
C PRO A 612 -23.83 33.72 -6.86
N TYR A 613 -24.27 33.76 -5.59
CA TYR A 613 -25.69 33.87 -5.24
C TYR A 613 -26.12 35.33 -5.12
N ALA A 614 -25.33 36.19 -4.45
CA ALA A 614 -25.70 37.57 -4.20
C ALA A 614 -25.35 38.51 -5.37
N ASP A 615 -24.33 38.17 -6.18
CA ASP A 615 -23.86 39.00 -7.28
C ASP A 615 -24.11 38.30 -8.62
N ILE B 321 15.83 -56.88 -17.39
CA ILE B 321 15.44 -57.62 -16.16
C ILE B 321 15.85 -56.80 -14.93
N THR B 322 14.87 -56.45 -14.08
CA THR B 322 14.91 -55.33 -13.13
C THR B 322 13.87 -55.47 -11.98
N ASN B 323 13.95 -54.59 -10.96
CA ASN B 323 13.06 -54.53 -9.80
C ASN B 323 13.10 -53.14 -9.13
N LEU B 324 12.24 -52.18 -9.53
CA LEU B 324 12.37 -50.78 -9.08
C LEU B 324 11.93 -50.55 -7.63
N CYS B 325 12.56 -49.56 -6.97
CA CYS B 325 12.31 -49.19 -5.58
C CYS B 325 10.96 -48.49 -5.37
N PRO B 326 10.42 -48.50 -4.11
CA PRO B 326 9.16 -47.84 -3.80
C PRO B 326 9.29 -46.32 -3.61
N PHE B 327 9.82 -45.61 -4.62
CA PHE B 327 9.79 -44.16 -4.62
C PHE B 327 8.36 -43.62 -4.73
N GLY B 328 7.46 -44.33 -5.46
CA GLY B 328 6.08 -43.90 -5.59
C GLY B 328 5.41 -43.67 -4.23
N GLU B 329 5.67 -44.58 -3.28
CA GLU B 329 5.12 -44.53 -1.92
C GLU B 329 5.65 -43.35 -1.08
N VAL B 330 6.61 -42.55 -1.60
CA VAL B 330 7.06 -41.31 -0.96
C VAL B 330 6.71 -40.10 -1.85
N PHE B 331 7.17 -40.08 -3.11
CA PHE B 331 6.98 -38.92 -3.96
C PHE B 331 5.51 -38.62 -4.30
N ASN B 332 4.61 -39.61 -4.13
CA ASN B 332 3.18 -39.37 -4.32
C ASN B 332 2.37 -40.04 -3.18
N ALA B 333 2.90 -39.96 -1.96
CA ALA B 333 2.10 -40.21 -0.76
C ALA B 333 0.98 -39.18 -0.68
N THR B 334 -0.18 -39.56 -0.12
CA THR B 334 -1.29 -38.63 0.05
C THR B 334 -0.97 -37.56 1.10
N ARG B 335 -0.52 -37.99 2.31
CA ARG B 335 -0.29 -37.08 3.42
C ARG B 335 1.18 -37.04 3.87
N PHE B 336 1.80 -35.84 3.79
CA PHE B 336 3.18 -35.64 4.19
C PHE B 336 3.28 -35.34 5.69
N ALA B 337 4.51 -35.34 6.23
CA ALA B 337 4.75 -35.13 7.65
C ALA B 337 4.96 -33.64 7.97
N SER B 338 4.44 -33.20 9.13
CA SER B 338 4.73 -31.88 9.70
C SER B 338 6.22 -31.72 9.96
N VAL B 339 6.88 -30.64 9.52
CA VAL B 339 8.34 -30.64 9.46
C VAL B 339 8.98 -30.93 10.82
N TYR B 340 8.38 -30.55 11.96
CA TYR B 340 9.01 -30.80 13.25
C TYR B 340 9.16 -32.28 13.59
N ALA B 341 8.47 -33.16 12.85
CA ALA B 341 8.34 -34.57 13.18
C ALA B 341 8.39 -35.41 11.88
N TRP B 342 9.36 -35.06 11.02
CA TRP B 342 9.48 -35.52 9.63
C TRP B 342 9.49 -37.03 9.49
N ASN B 343 8.98 -37.56 8.38
CA ASN B 343 9.02 -39.00 8.11
C ASN B 343 10.39 -39.41 7.56
N ARG B 344 10.81 -40.66 7.88
CA ARG B 344 12.01 -41.28 7.33
C ARG B 344 11.67 -42.68 6.79
N LYS B 345 12.01 -42.93 5.51
CA LYS B 345 11.95 -44.26 4.95
C LYS B 345 13.36 -44.74 4.62
N ARG B 346 13.71 -45.96 5.06
CA ARG B 346 14.87 -46.71 4.59
C ARG B 346 14.60 -47.24 3.16
N ILE B 347 15.62 -47.28 2.30
CA ILE B 347 15.55 -48.02 1.05
C ILE B 347 16.73 -48.98 1.00
N SER B 348 16.46 -50.27 0.69
CA SER B 348 17.49 -51.30 0.68
C SER B 348 17.09 -52.49 -0.21
N ASN B 349 18.09 -53.28 -0.63
CA ASN B 349 17.92 -54.48 -1.44
C ASN B 349 17.03 -54.21 -2.66
N CYS B 350 17.52 -53.35 -3.60
CA CYS B 350 16.69 -52.78 -4.64
C CYS B 350 17.50 -52.09 -5.76
N VAL B 351 16.87 -51.76 -6.92
CA VAL B 351 17.44 -50.77 -7.86
C VAL B 351 16.58 -49.51 -7.97
N ALA B 352 17.25 -48.34 -7.87
CA ALA B 352 16.63 -47.03 -7.84
C ALA B 352 16.98 -46.27 -9.12
N ASP B 353 15.97 -45.94 -9.95
CA ASP B 353 16.25 -45.28 -11.22
C ASP B 353 16.19 -43.75 -11.02
N TYR B 354 17.24 -43.20 -10.37
CA TYR B 354 17.31 -41.78 -10.07
C TYR B 354 17.14 -40.91 -11.30
N SER B 355 17.58 -41.37 -12.47
CA SER B 355 17.46 -40.61 -13.72
C SER B 355 16.01 -40.21 -14.02
N VAL B 356 15.03 -41.03 -13.63
CA VAL B 356 13.62 -40.69 -13.77
C VAL B 356 13.25 -39.47 -12.91
N LEU B 357 13.77 -39.39 -11.68
CA LEU B 357 13.55 -38.25 -10.79
C LEU B 357 14.28 -37.02 -11.34
N TYR B 358 15.53 -37.16 -11.80
CA TYR B 358 16.29 -36.05 -12.37
C TYR B 358 15.61 -35.44 -13.60
N ASN B 359 15.05 -36.29 -14.47
CA ASN B 359 14.31 -35.88 -15.66
C ASN B 359 12.83 -35.56 -15.40
N SER B 360 12.42 -35.42 -14.12
CA SER B 360 11.08 -34.96 -13.75
C SER B 360 10.84 -33.51 -14.19
N ALA B 361 9.61 -33.24 -14.68
CA ALA B 361 9.21 -31.92 -15.15
C ALA B 361 8.65 -31.04 -14.03
N SER B 362 8.16 -31.65 -12.93
CA SER B 362 7.46 -30.93 -11.86
C SER B 362 8.40 -30.30 -10.83
N PHE B 363 9.60 -30.87 -10.64
CA PHE B 363 10.48 -30.48 -9.55
C PHE B 363 11.06 -29.09 -9.80
N SER B 364 10.96 -28.22 -8.77
CA SER B 364 11.44 -26.85 -8.79
C SER B 364 12.87 -26.73 -8.26
N THR B 365 13.29 -27.67 -7.41
CA THR B 365 14.64 -27.73 -6.83
C THR B 365 15.16 -29.16 -6.95
N PHE B 366 16.43 -29.32 -7.36
CA PHE B 366 17.07 -30.64 -7.45
C PHE B 366 18.56 -30.54 -7.10
N LYS B 367 18.93 -29.68 -6.16
CA LYS B 367 20.33 -29.47 -5.80
C LYS B 367 20.89 -30.73 -5.14
N CYS B 368 21.96 -31.28 -5.74
CA CYS B 368 22.70 -32.41 -5.18
C CYS B 368 24.06 -31.93 -4.64
N TYR B 369 24.42 -32.44 -3.46
CA TYR B 369 25.59 -32.01 -2.72
C TYR B 369 26.59 -33.16 -2.64
N GLY B 370 27.84 -32.92 -3.08
CA GLY B 370 28.91 -33.91 -3.03
C GLY B 370 28.84 -34.98 -4.12
N VAL B 371 27.69 -35.08 -4.82
CA VAL B 371 27.47 -36.06 -5.87
C VAL B 371 26.78 -35.36 -7.06
N SER B 372 27.31 -35.61 -8.27
CA SER B 372 26.80 -34.98 -9.49
C SER B 372 25.46 -35.59 -9.91
N PRO B 373 24.41 -34.79 -10.21
CA PRO B 373 23.04 -35.29 -10.31
C PRO B 373 22.80 -36.28 -11.45
N THR B 374 23.52 -36.12 -12.57
CA THR B 374 23.44 -37.06 -13.69
C THR B 374 24.11 -38.41 -13.38
N LYS B 375 24.97 -38.44 -12.35
CA LYS B 375 25.87 -39.56 -12.07
C LYS B 375 25.19 -40.68 -11.28
N LEU B 376 24.07 -40.42 -10.61
CA LEU B 376 23.54 -41.32 -9.58
C LEU B 376 23.22 -42.71 -10.14
N ASN B 377 22.78 -42.80 -11.41
CA ASN B 377 22.50 -44.10 -12.03
C ASN B 377 23.75 -44.96 -12.26
N ASP B 378 24.97 -44.44 -11.96
CA ASP B 378 26.22 -45.21 -11.99
C ASP B 378 26.62 -45.75 -10.61
N LEU B 379 26.11 -45.15 -9.51
CA LEU B 379 26.53 -45.45 -8.15
C LEU B 379 25.79 -46.64 -7.53
N CYS B 380 26.41 -47.21 -6.48
CA CYS B 380 25.81 -48.23 -5.62
C CYS B 380 26.14 -47.92 -4.14
N PHE B 381 25.13 -48.08 -3.26
CA PHE B 381 25.18 -47.63 -1.86
C PHE B 381 24.70 -48.71 -0.91
N THR B 382 25.10 -48.60 0.37
CA THR B 382 24.68 -49.56 1.38
C THR B 382 23.21 -49.35 1.73
N ASN B 383 22.85 -48.07 2.01
CA ASN B 383 21.52 -47.69 2.48
C ASN B 383 21.19 -46.28 1.96
N VAL B 384 19.89 -45.97 1.81
CA VAL B 384 19.44 -44.65 1.41
C VAL B 384 18.26 -44.28 2.28
N TYR B 385 18.29 -43.11 2.94
CA TYR B 385 17.12 -42.63 3.67
C TYR B 385 16.49 -41.51 2.87
N ALA B 386 15.19 -41.67 2.57
CA ALA B 386 14.37 -40.61 2.03
C ALA B 386 13.57 -39.98 3.18
N ASP B 387 13.89 -38.71 3.49
CA ASP B 387 13.19 -37.96 4.51
C ASP B 387 12.18 -37.04 3.81
N SER B 388 10.93 -36.94 4.28
CA SER B 388 9.91 -36.12 3.63
C SER B 388 9.22 -35.16 4.61
N PHE B 389 8.89 -33.97 4.11
CA PHE B 389 8.13 -33.00 4.90
C PHE B 389 7.61 -31.87 4.01
N VAL B 390 6.76 -31.00 4.56
CA VAL B 390 6.25 -29.84 3.85
C VAL B 390 6.50 -28.55 4.64
N ILE B 391 6.94 -27.50 3.90
CA ILE B 391 7.33 -26.20 4.43
C ILE B 391 6.98 -25.08 3.44
N ARG B 392 6.91 -23.82 3.92
CA ARG B 392 6.75 -22.65 3.07
C ARG B 392 7.81 -22.62 1.99
N GLY B 393 7.47 -22.32 0.74
CA GLY B 393 8.44 -22.28 -0.34
C GLY B 393 9.66 -21.38 -0.09
N ASP B 394 9.49 -20.35 0.73
CA ASP B 394 10.55 -19.43 1.10
C ASP B 394 11.57 -20.04 2.08
N GLU B 395 11.19 -21.09 2.83
CA GLU B 395 12.10 -21.77 3.76
C GLU B 395 12.83 -22.94 3.09
N VAL B 396 12.56 -23.29 1.82
CA VAL B 396 13.28 -24.35 1.12
C VAL B 396 14.77 -23.99 1.01
N ARG B 397 15.15 -22.71 1.03
CA ARG B 397 16.57 -22.32 1.04
C ARG B 397 17.27 -22.52 2.40
N GLN B 398 16.60 -23.13 3.39
CA GLN B 398 17.22 -23.60 4.61
C GLN B 398 17.51 -25.09 4.56
N ILE B 399 16.99 -25.83 3.57
CA ILE B 399 17.33 -27.24 3.38
C ILE B 399 18.53 -27.31 2.45
N ALA B 400 19.71 -27.09 3.06
CA ALA B 400 21.03 -27.22 2.43
C ALA B 400 22.08 -27.28 3.53
N PRO B 401 23.27 -27.87 3.28
CA PRO B 401 24.33 -27.93 4.28
C PRO B 401 24.90 -26.56 4.61
N GLY B 402 24.97 -26.26 5.91
CA GLY B 402 25.58 -25.04 6.41
C GLY B 402 24.61 -23.87 6.70
N GLN B 403 23.30 -24.05 6.46
CA GLN B 403 22.32 -22.97 6.60
C GLN B 403 21.90 -22.72 8.05
N THR B 404 21.26 -21.54 8.29
CA THR B 404 20.67 -21.18 9.58
C THR B 404 19.29 -20.54 9.40
N GLY B 405 18.54 -20.42 10.50
CA GLY B 405 17.11 -20.12 10.46
C GLY B 405 16.28 -21.24 11.09
N LYS B 406 14.99 -20.99 11.36
CA LYS B 406 14.24 -21.83 12.27
C LYS B 406 13.89 -23.21 11.70
N ILE B 407 14.02 -23.49 10.39
CA ILE B 407 13.96 -24.86 9.93
C ILE B 407 15.30 -25.52 10.17
N ALA B 408 16.41 -24.93 9.69
CA ALA B 408 17.71 -25.56 9.75
C ALA B 408 18.21 -25.72 11.19
N ASP B 409 17.95 -24.75 12.05
CA ASP B 409 18.49 -24.76 13.39
C ASP B 409 17.71 -25.72 14.30
N TYR B 410 16.38 -25.79 14.16
CA TYR B 410 15.53 -26.38 15.17
C TYR B 410 14.57 -27.47 14.68
N ASN B 411 14.36 -27.67 13.38
CA ASN B 411 13.40 -28.66 12.91
C ASN B 411 14.09 -29.80 12.14
N TYR B 412 14.96 -29.47 11.19
CA TYR B 412 15.64 -30.46 10.39
C TYR B 412 17.01 -29.92 10.01
N LYS B 413 18.10 -30.51 10.53
CA LYS B 413 19.44 -30.07 10.19
C LYS B 413 20.20 -31.10 9.34
N LEU B 414 20.65 -30.69 8.16
CA LEU B 414 21.64 -31.45 7.40
C LEU B 414 23.05 -31.07 7.88
N PRO B 415 24.02 -32.01 7.85
CA PRO B 415 25.39 -31.76 8.30
C PRO B 415 26.19 -30.94 7.29
N ASP B 416 27.28 -30.35 7.79
CA ASP B 416 28.20 -29.52 7.01
C ASP B 416 28.93 -30.27 5.88
N ASP B 417 28.90 -31.63 5.88
CA ASP B 417 29.50 -32.45 4.84
C ASP B 417 28.50 -33.49 4.32
N PHE B 418 27.28 -33.02 4.07
CA PHE B 418 26.20 -33.81 3.52
C PHE B 418 26.55 -34.32 2.12
N THR B 419 26.26 -35.60 1.87
CA THR B 419 26.25 -36.15 0.53
C THR B 419 24.83 -36.66 0.23
N GLY B 420 24.21 -36.14 -0.83
CA GLY B 420 22.81 -36.44 -1.06
C GLY B 420 22.18 -35.47 -2.07
N CYS B 421 20.85 -35.50 -2.16
CA CYS B 421 20.09 -34.59 -2.99
C CYS B 421 18.93 -33.98 -2.20
N VAL B 422 18.62 -32.71 -2.47
CA VAL B 422 17.39 -32.10 -1.99
C VAL B 422 16.45 -31.88 -3.15
N ILE B 423 15.23 -32.43 -3.06
CA ILE B 423 14.24 -32.35 -4.12
C ILE B 423 12.99 -31.67 -3.59
N ALA B 424 12.43 -30.68 -4.30
CA ALA B 424 11.26 -29.97 -3.80
C ALA B 424 10.38 -29.45 -4.93
N TRP B 425 9.06 -29.32 -4.67
CA TRP B 425 8.11 -28.81 -5.65
C TRP B 425 6.93 -28.12 -4.98
N ASN B 426 6.28 -27.22 -5.71
CA ASN B 426 5.08 -26.53 -5.26
C ASN B 426 3.88 -27.49 -5.23
N SER B 427 3.02 -27.36 -4.21
CA SER B 427 1.89 -28.29 -4.00
C SER B 427 0.60 -27.55 -3.64
N ASN B 428 0.46 -26.28 -4.02
CA ASN B 428 -0.65 -25.44 -3.60
C ASN B 428 -2.02 -26.01 -3.98
N ASN B 429 -2.07 -26.85 -5.03
CA ASN B 429 -3.29 -27.50 -5.48
C ASN B 429 -3.79 -28.60 -4.52
N LEU B 430 -2.93 -29.06 -3.58
CA LEU B 430 -3.18 -30.25 -2.77
C LEU B 430 -3.09 -29.94 -1.27
N ASP B 431 -1.97 -29.34 -0.84
CA ASP B 431 -1.70 -29.10 0.58
C ASP B 431 -2.34 -27.81 1.08
N SER B 432 -3.16 -27.12 0.26
CA SER B 432 -3.78 -25.85 0.64
C SER B 432 -5.27 -25.85 0.29
N LYS B 433 -6.12 -25.35 1.21
CA LYS B 433 -7.57 -25.33 0.99
C LYS B 433 -8.22 -24.09 1.62
N VAL B 434 -9.39 -23.71 1.06
CA VAL B 434 -10.11 -22.49 1.43
C VAL B 434 -10.44 -22.48 2.93
N GLY B 435 -10.32 -21.30 3.56
CA GLY B 435 -10.46 -21.19 5.01
C GLY B 435 -9.15 -21.39 5.76
N GLY B 436 -8.20 -22.16 5.15
CA GLY B 436 -6.86 -22.39 5.69
C GLY B 436 -6.69 -23.81 6.18
N ASN B 437 -5.50 -24.37 5.92
CA ASN B 437 -5.26 -25.79 6.17
C ASN B 437 -5.04 -26.10 7.65
N TYR B 438 -4.08 -25.41 8.28
CA TYR B 438 -3.75 -25.52 9.69
C TYR B 438 -3.37 -26.92 10.21
N ASN B 439 -3.05 -27.90 9.33
CA ASN B 439 -2.56 -29.20 9.81
C ASN B 439 -1.06 -29.13 10.10
N TYR B 440 -0.27 -28.66 9.13
CA TYR B 440 1.18 -28.82 9.19
C TYR B 440 1.84 -27.89 10.21
N LEU B 441 2.60 -28.45 11.16
CA LEU B 441 3.24 -27.71 12.23
C LEU B 441 4.74 -27.54 11.99
N TYR B 442 5.35 -26.60 12.74
CA TYR B 442 6.81 -26.46 12.81
C TYR B 442 7.21 -25.96 14.20
N ARG B 443 8.42 -26.33 14.66
CA ARG B 443 8.96 -25.91 15.95
C ARG B 443 9.59 -24.55 15.82
N LEU B 444 9.31 -23.66 16.77
CA LEU B 444 9.62 -22.25 16.66
C LEU B 444 10.60 -21.78 17.73
N PHE B 445 10.69 -22.50 18.86
CA PHE B 445 11.65 -22.22 19.92
C PHE B 445 12.31 -23.52 20.37
N ARG B 446 13.61 -23.45 20.67
CA ARG B 446 14.35 -24.58 21.23
C ARG B 446 15.53 -24.06 22.08
N LYS B 447 15.89 -24.81 23.14
CA LYS B 447 16.92 -24.36 24.07
C LYS B 447 18.35 -24.54 23.50
N SER B 448 18.51 -25.30 22.39
CA SER B 448 19.77 -25.41 21.67
C SER B 448 19.55 -25.90 20.25
N ASN B 449 20.54 -25.76 19.35
CA ASN B 449 20.39 -26.26 17.98
C ASN B 449 20.34 -27.80 17.90
N LEU B 450 19.63 -28.37 16.90
CA LEU B 450 19.66 -29.80 16.68
C LEU B 450 21.04 -30.19 16.17
N LYS B 451 21.51 -31.40 16.56
CA LYS B 451 22.61 -32.06 15.87
C LYS B 451 22.09 -32.61 14.55
N PRO B 452 22.93 -32.81 13.52
CA PRO B 452 22.44 -33.30 12.23
C PRO B 452 21.65 -34.61 12.33
N PHE B 453 20.54 -34.66 11.59
CA PHE B 453 19.59 -35.76 11.55
C PHE B 453 18.91 -36.10 12.88
N GLU B 454 18.91 -35.17 13.86
CA GLU B 454 18.15 -35.36 15.11
C GLU B 454 16.67 -35.04 14.92
N ARG B 455 15.77 -35.53 15.81
CA ARG B 455 14.35 -35.14 15.85
C ARG B 455 13.94 -34.76 17.28
N ASP B 456 13.03 -33.79 17.44
CA ASP B 456 12.55 -33.40 18.76
C ASP B 456 11.02 -33.24 18.80
N ILE B 457 10.33 -34.38 19.03
CA ILE B 457 8.89 -34.46 19.07
C ILE B 457 8.50 -34.39 20.53
N SER B 458 8.32 -33.15 21.01
CA SER B 458 8.05 -32.88 22.41
C SER B 458 7.27 -31.58 22.52
N THR B 459 6.51 -31.44 23.62
CA THR B 459 5.69 -30.27 23.86
C THR B 459 5.75 -29.87 25.33
N GLU B 460 6.96 -29.56 25.80
CA GLU B 460 7.13 -28.90 27.10
C GLU B 460 7.47 -27.43 26.89
N ILE B 461 6.78 -26.59 27.67
CA ILE B 461 6.72 -25.15 27.49
C ILE B 461 8.11 -24.52 27.67
N TYR B 462 8.56 -23.78 26.64
CA TYR B 462 9.87 -23.14 26.60
C TYR B 462 9.88 -22.00 27.61
N GLN B 463 10.99 -21.85 28.35
CA GLN B 463 11.11 -20.84 29.39
C GLN B 463 12.13 -19.76 28.99
N ALA B 464 11.67 -18.49 28.91
CA ALA B 464 12.48 -17.38 28.42
C ALA B 464 13.08 -16.52 29.54
N GLY B 465 12.87 -16.89 30.82
CA GLY B 465 13.38 -16.11 31.95
C GLY B 465 13.56 -16.92 33.23
N SER B 466 13.69 -16.22 34.38
CA SER B 466 14.06 -16.84 35.65
C SER B 466 12.86 -17.40 36.44
N THR B 467 11.62 -17.15 35.99
CA THR B 467 10.43 -17.74 36.60
C THR B 467 10.25 -19.21 36.19
N PRO B 468 10.07 -20.16 37.15
CA PRO B 468 9.75 -21.55 36.80
C PRO B 468 8.42 -21.66 36.04
N CYS B 469 8.42 -22.44 34.96
CA CYS B 469 7.35 -22.37 33.96
C CYS B 469 6.14 -23.26 34.32
N ASN B 470 6.34 -24.23 35.24
CA ASN B 470 5.29 -25.12 35.79
C ASN B 470 4.45 -25.85 34.72
N GLY B 471 4.93 -25.98 33.46
CA GLY B 471 4.22 -26.70 32.41
C GLY B 471 2.99 -25.97 31.86
N VAL B 472 2.88 -24.64 32.07
CA VAL B 472 1.75 -23.83 31.59
C VAL B 472 2.25 -22.62 30.80
N GLU B 473 1.62 -22.34 29.65
CA GLU B 473 1.93 -21.17 28.83
C GLU B 473 1.57 -19.86 29.54
N GLY B 474 2.27 -18.76 29.20
CA GLY B 474 2.01 -17.46 29.80
C GLY B 474 3.15 -16.46 29.60
N PHE B 475 3.28 -15.49 30.51
CA PHE B 475 4.36 -14.51 30.45
C PHE B 475 5.73 -15.20 30.45
N ASN B 476 6.58 -14.91 29.45
CA ASN B 476 7.87 -15.54 29.24
C ASN B 476 7.81 -17.06 29.00
N CYS B 477 6.63 -17.65 28.81
CA CYS B 477 6.46 -19.10 28.72
C CYS B 477 5.68 -19.48 27.46
N TYR B 478 6.41 -19.95 26.43
CA TYR B 478 5.86 -20.10 25.10
C TYR B 478 5.75 -21.57 24.71
N PHE B 479 4.63 -21.93 24.06
CA PHE B 479 4.41 -23.26 23.53
C PHE B 479 5.40 -23.50 22.39
N PRO B 480 5.96 -24.71 22.21
CA PRO B 480 7.14 -24.82 21.41
C PRO B 480 6.93 -24.80 19.91
N LEU B 481 5.71 -25.01 19.45
CA LEU B 481 5.47 -25.17 18.02
C LEU B 481 4.17 -24.46 17.56
N GLN B 482 4.11 -24.16 16.27
CA GLN B 482 3.15 -23.24 15.68
C GLN B 482 2.69 -23.85 14.36
N SER B 483 1.42 -23.67 13.99
CA SER B 483 0.91 -24.23 12.73
C SER B 483 1.24 -23.31 11.56
N TYR B 484 1.48 -23.90 10.38
CA TYR B 484 1.35 -23.18 9.12
C TYR B 484 -0.12 -22.92 8.83
N GLY B 485 -0.44 -21.96 7.95
CA GLY B 485 -1.84 -21.71 7.63
C GLY B 485 -2.07 -21.49 6.14
N PHE B 486 -1.80 -22.51 5.30
CA PHE B 486 -1.93 -22.37 3.85
C PHE B 486 -3.39 -22.13 3.43
N GLN B 487 -3.74 -20.92 2.94
CA GLN B 487 -4.93 -20.71 2.10
C GLN B 487 -4.50 -20.72 0.63
N PRO B 488 -5.42 -20.90 -0.35
CA PRO B 488 -5.03 -21.04 -1.75
C PRO B 488 -4.45 -19.80 -2.43
N THR B 489 -4.76 -18.60 -1.88
CA THR B 489 -4.46 -17.32 -2.50
C THR B 489 -3.17 -16.67 -1.97
N ASN B 490 -2.48 -17.32 -1.01
CA ASN B 490 -1.19 -16.83 -0.52
C ASN B 490 -0.15 -16.86 -1.65
N GLY B 491 0.84 -15.96 -1.60
CA GLY B 491 1.84 -15.85 -2.65
C GLY B 491 2.86 -16.98 -2.64
N VAL B 492 3.74 -17.03 -3.65
CA VAL B 492 4.63 -18.17 -3.83
C VAL B 492 5.54 -18.39 -2.61
N GLY B 493 6.04 -17.33 -1.98
CA GLY B 493 6.87 -17.48 -0.79
C GLY B 493 6.10 -17.87 0.50
N TYR B 494 4.84 -18.23 0.37
CA TYR B 494 4.10 -18.78 1.49
C TYR B 494 3.21 -19.97 1.07
N GLN B 495 3.33 -20.45 -0.18
CA GLN B 495 2.65 -21.67 -0.62
C GLN B 495 3.39 -22.90 -0.11
N PRO B 496 2.69 -24.05 0.05
CA PRO B 496 3.30 -25.28 0.52
C PRO B 496 4.15 -25.93 -0.55
N TYR B 497 5.44 -26.10 -0.24
CA TYR B 497 6.32 -26.89 -1.05
C TYR B 497 6.51 -28.22 -0.33
N ARG B 498 6.26 -29.33 -1.03
CA ARG B 498 6.69 -30.64 -0.54
C ARG B 498 8.18 -30.78 -0.80
N VAL B 499 8.89 -31.39 0.14
CA VAL B 499 10.33 -31.60 0.06
C VAL B 499 10.63 -33.08 0.34
N VAL B 500 11.55 -33.67 -0.43
CA VAL B 500 12.11 -34.97 -0.14
C VAL B 500 13.63 -34.84 -0.16
N VAL B 501 14.30 -35.29 0.92
CA VAL B 501 15.75 -35.22 1.05
C VAL B 501 16.34 -36.61 1.08
N LEU B 502 17.21 -36.91 0.11
CA LEU B 502 17.79 -38.24 -0.04
C LEU B 502 19.22 -38.16 0.48
N SER B 503 19.63 -39.14 1.31
CA SER B 503 20.81 -38.99 2.15
C SER B 503 21.70 -40.24 2.08
N PHE B 504 22.11 -40.64 0.86
CA PHE B 504 22.77 -41.91 0.60
C PHE B 504 23.92 -42.21 1.58
N GLU B 505 24.09 -43.51 1.89
CA GLU B 505 25.07 -44.00 2.84
C GLU B 505 25.87 -45.17 2.26
N LEU B 506 27.21 -45.09 2.41
CA LEU B 506 28.12 -46.19 2.18
C LEU B 506 28.79 -46.52 3.52
N LEU B 507 28.66 -47.78 3.98
CA LEU B 507 28.94 -48.12 5.38
C LEU B 507 30.00 -49.23 5.48
N HIS B 508 31.08 -49.11 4.67
CA HIS B 508 32.20 -50.04 4.62
C HIS B 508 31.77 -51.52 4.65
N ALA B 509 30.69 -51.83 3.91
CA ALA B 509 29.99 -53.11 3.92
C ALA B 509 29.29 -53.28 2.56
N PRO B 510 28.39 -54.28 2.35
CA PRO B 510 27.77 -54.46 1.04
C PRO B 510 26.99 -53.23 0.53
N ALA B 511 26.89 -53.09 -0.79
CA ALA B 511 25.87 -52.24 -1.39
C ALA B 511 24.54 -53.01 -1.45
N THR B 512 23.41 -52.32 -1.25
CA THR B 512 22.10 -52.94 -1.40
C THR B 512 21.17 -52.13 -2.32
N VAL B 513 21.56 -50.91 -2.68
CA VAL B 513 20.84 -50.09 -3.64
C VAL B 513 21.81 -49.74 -4.76
N CYS B 514 21.34 -49.77 -6.01
CA CYS B 514 22.13 -49.38 -7.17
C CYS B 514 21.27 -48.60 -8.17
N GLY B 515 21.91 -47.77 -9.01
CA GLY B 515 21.31 -47.42 -10.28
C GLY B 515 21.23 -48.63 -11.21
N PRO B 516 20.25 -48.72 -12.14
CA PRO B 516 20.19 -49.84 -13.10
C PRO B 516 21.46 -49.99 -13.94
C1 NAG C . -20.71 -11.97 -5.34
C2 NAG C . -20.66 -13.28 -6.11
C3 NAG C . -21.96 -14.07 -5.88
C4 NAG C . -22.20 -14.26 -4.38
C5 NAG C . -22.23 -12.90 -3.66
C6 NAG C . -22.37 -13.04 -2.13
C7 NAG C . -19.21 -13.53 -8.08
C8 NAG C . -19.08 -13.35 -9.57
N2 NAG C . -20.34 -13.09 -7.51
O3 NAG C . -21.92 -15.34 -6.53
O4 NAG C . -23.42 -15.00 -4.15
O5 NAG C . -21.02 -12.16 -3.95
O6 NAG C . -23.73 -13.14 -1.70
O7 NAG C . -18.31 -14.04 -7.43
C1 NAG C . -23.24 -16.33 -3.57
C2 NAG C . -24.52 -16.89 -2.94
C3 NAG C . -24.24 -18.24 -2.29
C4 NAG C . -23.59 -19.23 -3.27
C5 NAG C . -22.45 -18.61 -4.09
C6 NAG C . -22.05 -19.43 -5.34
C7 NAG C . -26.33 -15.33 -2.26
C8 NAG C . -26.85 -14.40 -1.20
N2 NAG C . -25.16 -15.94 -2.02
O3 NAG C . -25.41 -18.84 -1.71
O4 NAG C . -23.09 -20.35 -2.52
O5 NAG C . -22.78 -17.27 -4.56
O6 NAG C . -21.35 -20.62 -5.01
O7 NAG C . -26.97 -15.55 -3.29
C1 BMA C . -23.59 -21.66 -2.89
C2 BMA C . -22.80 -22.74 -2.15
C3 BMA C . -23.41 -24.13 -2.36
C4 BMA C . -24.87 -24.13 -1.92
C5 BMA C . -25.66 -23.05 -2.69
C6 BMA C . -27.10 -22.88 -2.21
O2 BMA C . -22.73 -22.38 -0.77
O3 BMA C . -22.68 -25.13 -1.64
O4 BMA C . -25.47 -25.42 -2.14
O5 BMA C . -25.00 -21.75 -2.54
O6 BMA C . -27.15 -22.36 -0.86
C1 MAN C . -28.29 -22.86 -0.07
C2 MAN C . -28.54 -21.98 1.16
C3 MAN C . -27.41 -22.09 2.20
C4 MAN C . -27.13 -23.56 2.55
C5 MAN C . -26.92 -24.40 1.27
C6 MAN C . -26.76 -25.90 1.52
O2 MAN C . -29.82 -22.28 1.73
O3 MAN C . -27.68 -21.26 3.39
O4 MAN C . -25.97 -23.68 3.38
O5 MAN C . -28.05 -24.22 0.35
O6 MAN C . -26.35 -26.53 0.30
C1 MAN C . -28.53 -21.76 4.46
C2 MAN C . -29.20 -20.59 5.21
C3 MAN C . -28.23 -19.87 6.14
C4 MAN C . -27.53 -20.86 7.08
C5 MAN C . -26.81 -21.94 6.25
C6 MAN C . -26.12 -23.01 7.09
O2 MAN C . -30.34 -21.03 5.95
O3 MAN C . -28.94 -18.89 6.91
O4 MAN C . -26.59 -20.17 7.92
O5 MAN C . -27.80 -22.61 5.38
O6 MAN C . -25.52 -23.99 6.24
C1 NAG D . -2.23 1.16 29.06
C2 NAG D . -1.40 2.32 29.60
C3 NAG D . -1.09 2.04 31.07
C4 NAG D . -2.35 1.78 31.90
C5 NAG D . -3.36 0.85 31.19
C6 NAG D . -4.77 0.93 31.77
C7 NAG D . -0.29 3.05 27.53
C8 NAG D . 1.02 3.26 26.84
N2 NAG D . -0.23 2.60 28.79
O3 NAG D . -0.31 3.11 31.63
O4 NAG D . -1.99 1.16 33.15
O5 NAG D . -3.47 1.11 29.77
O6 NAG D . -4.80 0.63 33.19
O7 NAG D . -1.35 3.26 26.96
C1 NAG D . -1.94 1.94 34.40
C2 NAG D . -1.68 1.00 35.60
C3 NAG D . -1.09 1.71 36.84
C4 NAG D . -0.08 2.79 36.48
C5 NAG D . -0.71 3.75 35.46
C6 NAG D . 0.17 4.94 35.11
C7 NAG D . -3.42 -0.77 35.49
C8 NAG D . -4.61 -1.36 36.20
N2 NAG D . -2.90 0.34 36.03
O3 NAG D . -0.50 0.75 37.73
O4 NAG D . 0.29 3.48 37.68
O5 NAG D . -0.97 2.99 34.26
O6 NAG D . -0.43 5.74 34.09
O7 NAG D . -2.99 -1.26 34.46
C1 NAG E . 7.42 -10.73 -16.77
C2 NAG E . 8.77 -11.45 -16.89
C3 NAG E . 9.07 -11.86 -18.34
C4 NAG E . 7.88 -12.56 -19.03
C5 NAG E . 6.56 -11.83 -18.77
C6 NAG E . 5.36 -12.66 -19.24
C7 NAG E . 10.75 -11.09 -15.46
C8 NAG E . 11.86 -10.13 -15.10
N2 NAG E . 9.84 -10.63 -16.32
O3 NAG E . 10.24 -12.69 -18.35
O4 NAG E . 8.04 -12.61 -20.46
O5 NAG E . 6.38 -11.53 -17.35
O6 NAG E . 4.13 -11.97 -19.06
O7 NAG E . 10.70 -12.23 -15.02
C1 NAG E . 8.98 -13.58 -21.04
C2 NAG E . 8.57 -13.97 -22.47
C3 NAG E . 9.59 -14.92 -23.11
C4 NAG E . 11.00 -14.36 -23.00
C5 NAG E . 11.34 -14.01 -21.55
C6 NAG E . 12.72 -13.35 -21.38
C7 NAG E . 6.17 -13.95 -23.08
C8 NAG E . 4.85 -14.65 -22.95
N2 NAG E . 7.23 -14.55 -22.50
O3 NAG E . 9.27 -15.20 -24.47
O4 NAG E . 11.93 -15.32 -23.50
O5 NAG E . 10.33 -13.11 -21.02
O6 NAG E . 12.91 -12.88 -20.04
O7 NAG E . 6.29 -12.89 -23.68
C1 NAG F . 13.91 1.13 -24.32
C2 NAG F . 13.38 2.23 -25.26
C3 NAG F . 12.44 1.66 -26.31
C4 NAG F . 13.01 0.41 -26.99
C5 NAG F . 13.50 -0.62 -25.95
C6 NAG F . 14.19 -1.83 -26.61
C7 NAG F . 13.32 4.46 -24.21
C8 NAG F . 12.50 5.44 -23.42
N2 NAG F . 12.74 3.29 -24.50
O3 NAG F . 12.11 2.63 -27.31
O4 NAG F . 11.99 -0.17 -27.81
O5 NAG F . 14.43 -0.01 -25.02
O6 NAG F . 15.31 -1.44 -27.43
O7 NAG F . 14.46 4.72 -24.59
C1 NAG F . 12.36 -0.45 -29.20
C2 NAG F . 11.45 -1.53 -29.80
C3 NAG F . 11.92 -1.85 -31.22
C4 NAG F . 11.92 -0.58 -32.08
C5 NAG F . 12.74 0.53 -31.41
C6 NAG F . 12.61 1.87 -32.14
C7 NAG F . 10.25 -3.01 -28.26
C8 NAG F . 10.30 -4.26 -27.44
N2 NAG F . 11.33 -2.73 -28.99
O3 NAG F . 11.14 -2.89 -31.83
O4 NAG F . 12.44 -0.87 -33.40
O5 NAG F . 12.33 0.72 -30.02
O6 NAG F . 13.41 2.88 -31.53
O7 NAG F . 9.25 -2.29 -28.27
C1 BMA F . 11.67 -0.71 -34.68
C2 BMA F . 10.57 -1.81 -34.91
C3 BMA F . 9.94 -1.59 -36.29
C4 BMA F . 9.56 -0.12 -36.54
C5 BMA F . 10.76 0.85 -36.32
C6 BMA F . 10.39 2.31 -36.50
O2 BMA F . 9.56 -1.97 -33.90
O3 BMA F . 8.77 -2.43 -36.42
O4 BMA F . 9.09 0.01 -37.88
O5 BMA F . 11.26 0.67 -34.97
O6 BMA F . 11.54 3.16 -36.18
C1 MAN F . 8.96 -3.71 -37.11
C2 MAN F . 7.60 -4.25 -37.62
C3 MAN F . 6.74 -4.75 -36.47
C4 MAN F . 7.49 -5.80 -35.65
C5 MAN F . 8.84 -5.26 -35.13
C6 MAN F . 9.69 -6.33 -34.47
O2 MAN F . 7.78 -5.27 -38.59
O3 MAN F . 5.52 -5.29 -36.99
O4 MAN F . 6.66 -6.20 -34.54
O5 MAN F . 9.62 -4.68 -36.24
O6 MAN F . 10.29 -7.20 -35.42
C1 MAN F . 12.53 3.23 -37.24
C2 MAN F . 13.89 3.70 -36.69
C3 MAN F . 13.85 5.18 -36.30
C4 MAN F . 13.35 6.04 -37.47
C5 MAN F . 11.98 5.53 -37.97
C6 MAN F . 11.47 6.29 -39.20
O2 MAN F . 14.94 3.45 -37.60
O3 MAN F . 15.15 5.61 -35.89
O4 MAN F . 13.27 7.41 -37.06
O5 MAN F . 12.10 4.09 -38.32
O6 MAN F . 11.27 7.68 -38.92
C1 NAG G . 4.30 -39.84 -8.91
C2 NAG G . 5.40 -40.43 -9.80
C3 NAG G . 5.21 -39.93 -11.24
C4 NAG G . 3.80 -40.27 -11.74
C5 NAG G . 2.70 -39.84 -10.76
C6 NAG G . 1.35 -40.43 -11.17
C7 NAG G . 7.51 -41.20 -8.77
C8 NAG G . 8.90 -40.80 -8.35
N2 NAG G . 6.74 -40.23 -9.28
O3 NAG G . 6.19 -40.45 -12.12
O4 NAG G . 3.57 -39.65 -13.02
O5 NAG G . 3.02 -40.25 -9.39
O6 NAG G . 0.31 -40.15 -10.23
O7 NAG G . 7.12 -42.36 -8.68
C1 NAG G . 3.56 -40.51 -14.21
C2 NAG G . 2.92 -39.79 -15.41
C3 NAG G . 2.89 -40.71 -16.63
C4 NAG G . 4.27 -41.30 -16.95
C5 NAG G . 4.88 -41.93 -15.67
C6 NAG G . 6.33 -42.41 -15.87
C7 NAG G . 1.36 -37.95 -14.97
C8 NAG G . -0.04 -37.55 -14.64
N2 NAG G . 1.62 -39.25 -15.08
O3 NAG G . 2.36 -40.01 -17.77
O4 NAG G . 4.22 -42.31 -17.98
O5 NAG G . 4.87 -40.99 -14.57
O6 NAG G . 6.40 -43.67 -16.52
O7 NAG G . 2.24 -37.09 -15.15
C1 BMA G . 4.39 -41.90 -19.38
C2 BMA G . 4.86 -43.10 -20.19
C3 BMA G . 5.00 -42.81 -21.68
C4 BMA G . 3.71 -42.16 -22.24
C5 BMA G . 3.29 -40.95 -21.36
C6 BMA G . 1.94 -40.35 -21.78
O2 BMA G . 3.94 -44.17 -19.99
O3 BMA G . 5.31 -44.02 -22.38
O4 BMA G . 3.90 -41.72 -23.59
O5 BMA G . 3.18 -41.37 -19.96
O6 BMA G . 2.01 -39.76 -23.08
C1 NAG H . 9.00 30.30 -28.00
C2 NAG H . 9.24 30.90 -29.39
C3 NAG H . 9.02 32.41 -29.24
C4 NAG H . 7.66 32.72 -28.59
C5 NAG H . 7.47 32.00 -27.25
C6 NAG H . 6.06 32.14 -26.68
C7 NAG H . 10.89 30.70 -31.25
C8 NAG H . 12.26 30.22 -31.64
N2 NAG H . 10.56 30.58 -29.95
O3 NAG H . 9.12 33.16 -30.46
O4 NAG H . 7.61 34.14 -28.41
O5 NAG H . 7.73 30.58 -27.41
O6 NAG H . 5.78 31.17 -25.65
O7 NAG H . 10.13 31.19 -32.08
ZN ZN I . -2.72 6.23 -2.95
S SO4 J . -4.94 5.59 -1.53
O1 SO4 J . -3.67 5.03 -1.74
O2 SO4 J . -5.81 4.49 -1.18
O3 SO4 J . -4.92 6.37 -0.36
O4 SO4 J . -5.63 6.40 -2.52
#